data_4K1I
#
_entry.id   4K1I
#
_cell.length_a   115.429
_cell.length_b   139.113
_cell.length_c   139.995
_cell.angle_alpha   90.00
_cell.angle_beta   90.00
_cell.angle_gamma   90.00
#
_symmetry.space_group_name_H-M   'C 2 2 21'
#
loop_
_entity.id
_entity.type
_entity.pdbx_description
1 polymer Neuraminidase
2 branched alpha-D-mannopyranose-(1-3)-beta-D-mannopyranose-(1-4)-2-acetamido-2-deoxy-beta-D-glucopyranose-(1-4)-2-acetamido-2-deoxy-beta-D-glucopyranose
3 non-polymer 'CALCIUM ION'
4 non-polymer 2-acetamido-2-deoxy-beta-D-glucopyranose
5 non-polymer '(3R,4R,5S)-4-(acetylamino)-5-amino-3-(pentan-3-yloxy)cyclohex-1-ene-1-carboxylic acid'
6 water water
#
_entity_poly.entity_id   1
_entity_poly.type   'polypeptide(L)'
_entity_poly.pdbx_seq_one_letter_code
;VEYRNWSKPQCQITGFAPFSKDNSIRLSAGGDIWVTREPYVSCDPGKCYQFALGQGTTLDNKHSNDTVHDRIPHRTLLMN
ELGVPFHLGTRQVCIAWSSSSCHDGKAWLHVCITGDDKNATASFIYDGRLVDSIGSWSQNILRTQESECVCINGTCTVVM
TDGSASGRADTRILFIEEGKIVHISPLSGSAQHIEECSCYPRYPGVRCICRDNWKGSNRPVVDINMEDYSIDSSYVCSGL
VGDTPRNDDSSSNSNCRNPNNERGTQGVKGWAFDNGNDLWMGRTISKESRSGYETFKVIGGWSTPNSKSQVNRQVIVDNN
NWSGYSGIFSVEGKSCINRCFYVELIRGRPQETRVWWTSNSIVVFCGTSGTYGTGSWPDGANINFMPI
;
_entity_poly.pdbx_strand_id   A,B
#
# COMPACT_ATOMS: atom_id res chain seq x y z
N VAL A 1 -19.74 -15.99 6.05
CA VAL A 1 -19.65 -15.59 4.60
C VAL A 1 -19.02 -16.72 3.77
N GLU A 2 -19.58 -16.96 2.58
CA GLU A 2 -19.10 -18.02 1.69
C GLU A 2 -18.31 -17.42 0.53
N TYR A 3 -17.45 -18.24 -0.09
CA TYR A 3 -16.72 -17.82 -1.28
C TYR A 3 -17.68 -17.61 -2.45
N ARG A 4 -17.38 -16.60 -3.27
CA ARG A 4 -18.09 -16.39 -4.54
C ARG A 4 -17.78 -17.51 -5.53
N ASN A 5 -18.81 -18.00 -6.21
CA ASN A 5 -18.62 -18.94 -7.32
C ASN A 5 -19.03 -18.34 -8.67
N TRP A 6 -19.83 -17.29 -8.65
CA TRP A 6 -20.34 -16.67 -9.88
C TRP A 6 -21.07 -17.69 -10.76
N SER A 7 -21.72 -18.67 -10.13
CA SER A 7 -22.34 -19.76 -10.86
C SER A 7 -23.80 -19.43 -11.20
N LYS A 8 -24.00 -18.30 -11.85
CA LYS A 8 -25.31 -17.93 -12.38
C LYS A 8 -25.10 -17.59 -13.85
N PRO A 9 -26.17 -17.67 -14.66
CA PRO A 9 -26.02 -17.25 -16.06
C PRO A 9 -25.73 -15.76 -16.17
N GLN A 10 -25.11 -15.35 -17.27
CA GLN A 10 -24.91 -13.94 -17.57
C GLN A 10 -26.26 -13.28 -17.85
N CYS A 11 -26.48 -12.09 -17.29
CA CYS A 11 -27.71 -11.34 -17.53
C CYS A 11 -27.82 -11.04 -19.03
N GLN A 12 -29.03 -11.15 -19.58
CA GLN A 12 -29.22 -10.88 -21.00
C GLN A 12 -29.55 -9.40 -21.14
N ILE A 13 -28.61 -8.63 -21.66
CA ILE A 13 -28.74 -7.18 -21.69
C ILE A 13 -29.13 -6.63 -23.06
N THR A 14 -29.72 -5.43 -23.03
CA THR A 14 -30.13 -4.71 -24.22
C THR A 14 -29.20 -3.53 -24.47
N GLY A 15 -28.23 -3.35 -23.59
CA GLY A 15 -27.36 -2.18 -23.57
C GLY A 15 -27.00 -1.87 -22.13
N PHE A 16 -26.62 -0.61 -21.89
CA PHE A 16 -26.13 -0.19 -20.60
C PHE A 16 -26.83 1.07 -20.10
N ALA A 17 -26.98 1.17 -18.78
CA ALA A 17 -27.60 2.33 -18.14
C ALA A 17 -26.58 3.03 -17.24
N PRO A 18 -26.73 4.35 -17.08
CA PRO A 18 -25.80 5.12 -16.25
C PRO A 18 -25.80 4.64 -14.81
N PHE A 19 -24.61 4.53 -14.21
CA PHE A 19 -24.46 4.00 -12.85
C PHE A 19 -23.74 4.97 -11.90
N SER A 20 -22.62 5.55 -12.33
CA SER A 20 -21.84 6.42 -11.44
C SER A 20 -20.97 7.39 -12.22
N LYS A 21 -20.62 8.49 -11.58
CA LYS A 21 -19.69 9.48 -12.13
C LYS A 21 -19.09 10.24 -10.94
N ASP A 22 -17.78 10.51 -10.96
CA ASP A 22 -17.17 11.14 -9.79
C ASP A 22 -16.77 12.61 -9.92
N ASN A 23 -16.73 13.16 -11.15
CA ASN A 23 -16.47 14.60 -11.35
C ASN A 23 -15.17 15.09 -10.72
N SER A 24 -14.18 14.20 -10.66
N SER A 24 -14.17 14.22 -10.65
CA SER A 24 -12.94 14.42 -9.93
CA SER A 24 -12.97 14.48 -9.87
C SER A 24 -12.21 15.72 -10.33
C SER A 24 -12.21 15.73 -10.32
N ILE A 25 -12.12 15.97 -11.63
CA ILE A 25 -11.35 17.10 -12.15
C ILE A 25 -12.07 18.41 -11.87
N ARG A 26 -13.38 18.44 -12.12
CA ARG A 26 -14.18 19.63 -11.78
C ARG A 26 -14.02 20.00 -10.30
N LEU A 27 -14.07 18.99 -9.44
CA LEU A 27 -13.94 19.22 -7.99
C LEU A 27 -12.54 19.65 -7.60
N SER A 28 -11.53 19.15 -8.31
N SER A 28 -11.52 19.17 -8.30
CA SER A 28 -10.11 19.47 -8.03
CA SER A 28 -10.14 19.48 -7.96
C SER A 28 -9.80 20.96 -8.15
C SER A 28 -9.76 20.95 -8.20
N ALA A 29 -10.63 21.70 -8.89
CA ALA A 29 -10.46 23.15 -9.04
C ALA A 29 -11.02 23.93 -7.83
N GLY A 30 -11.64 23.22 -6.89
CA GLY A 30 -12.21 23.84 -5.69
C GLY A 30 -12.25 22.86 -4.55
N GLY A 31 -11.09 22.25 -4.27
CA GLY A 31 -11.00 21.22 -3.26
C GLY A 31 -9.72 20.44 -3.41
N ASP A 32 -9.36 19.71 -2.36
CA ASP A 32 -8.14 18.92 -2.35
C ASP A 32 -8.46 17.48 -2.79
N ILE A 33 -8.09 17.17 -4.03
CA ILE A 33 -8.45 15.91 -4.67
C ILE A 33 -7.18 15.27 -5.25
N TRP A 34 -7.04 13.96 -5.04
CA TRP A 34 -5.88 13.21 -5.53
C TRP A 34 -5.72 13.28 -7.04
N VAL A 35 -4.47 13.41 -7.47
CA VAL A 35 -4.10 13.15 -8.86
C VAL A 35 -4.02 11.64 -9.04
N THR A 36 -4.69 11.13 -10.07
CA THR A 36 -4.78 9.69 -10.32
C THR A 36 -4.64 9.36 -11.81
N ARG A 37 -4.46 8.08 -12.09
CA ARG A 37 -4.75 7.49 -13.40
C ARG A 37 -4.94 5.99 -13.18
N GLU A 38 -5.28 5.26 -14.25
CA GLU A 38 -5.53 3.83 -14.19
C GLU A 38 -6.58 3.45 -13.13
N PRO A 39 -7.77 4.07 -13.21
CA PRO A 39 -8.83 3.71 -12.28
C PRO A 39 -9.50 2.41 -12.65
N TYR A 40 -10.21 1.82 -11.69
CA TYR A 40 -11.15 0.76 -11.99
C TYR A 40 -12.21 0.62 -10.91
N VAL A 41 -13.12 -0.34 -11.08
CA VAL A 41 -14.19 -0.57 -10.15
C VAL A 41 -14.25 -2.05 -9.83
N SER A 42 -14.50 -2.37 -8.57
CA SER A 42 -14.75 -3.75 -8.14
C SER A 42 -15.67 -3.71 -6.95
N CYS A 43 -16.54 -4.72 -6.83
CA CYS A 43 -17.54 -4.73 -5.79
C CYS A 43 -17.39 -5.95 -4.92
N ASP A 44 -17.57 -5.78 -3.60
CA ASP A 44 -17.78 -6.92 -2.70
C ASP A 44 -19.25 -7.32 -2.84
N PRO A 45 -19.70 -8.35 -2.10
CA PRO A 45 -21.06 -8.82 -2.31
C PRO A 45 -22.17 -7.79 -2.03
N GLY A 46 -21.87 -6.75 -1.26
CA GLY A 46 -22.85 -5.72 -0.91
C GLY A 46 -22.72 -4.41 -1.68
N LYS A 47 -21.48 -3.95 -1.91
CA LYS A 47 -21.29 -2.66 -2.56
C LYS A 47 -20.02 -2.52 -3.38
N CYS A 48 -20.02 -1.49 -4.21
CA CYS A 48 -18.96 -1.24 -5.18
C CYS A 48 -17.98 -0.17 -4.70
N TYR A 49 -16.74 -0.32 -5.15
CA TYR A 49 -15.66 0.58 -4.81
C TYR A 49 -14.96 1.08 -6.06
N GLN A 50 -14.55 2.34 -6.04
CA GLN A 50 -13.65 2.82 -7.08
C GLN A 50 -12.22 2.80 -6.58
N PHE A 51 -11.33 2.40 -7.48
CA PHE A 51 -9.89 2.33 -7.25
C PHE A 51 -9.19 3.22 -8.26
N ALA A 52 -8.00 3.69 -7.93
CA ALA A 52 -7.11 4.31 -8.90
C ALA A 52 -5.70 4.36 -8.34
N LEU A 53 -4.74 4.59 -9.23
CA LEU A 53 -3.35 4.76 -8.79
C LEU A 53 -3.10 6.23 -8.56
N GLY A 54 -2.89 6.60 -7.31
CA GLY A 54 -2.53 7.96 -6.97
C GLY A 54 -1.15 8.30 -7.51
N GLN A 55 -0.86 9.59 -7.56
CA GLN A 55 0.48 10.07 -7.89
C GLN A 55 1.15 10.76 -6.68
N GLY A 56 0.71 10.37 -5.48
CA GLY A 56 1.32 10.88 -4.25
C GLY A 56 1.12 12.37 -4.02
N THR A 57 0.06 12.92 -4.60
CA THR A 57 -0.19 14.35 -4.53
C THR A 57 -1.63 14.66 -4.88
N THR A 58 -2.11 15.80 -4.40
CA THR A 58 -3.37 16.36 -4.86
C THR A 58 -3.09 17.18 -6.12
N LEU A 59 -4.15 17.63 -6.80
CA LEU A 59 -4.01 18.33 -8.07
C LEU A 59 -3.58 19.79 -7.88
N ASP A 60 -4.26 20.49 -6.97
CA ASP A 60 -3.89 21.87 -6.64
C ASP A 60 -2.74 21.84 -5.62
N ASN A 61 -1.54 21.63 -6.15
CA ASN A 61 -0.36 21.23 -5.37
C ASN A 61 0.78 21.25 -6.37
N LYS A 62 1.89 21.90 -6.03
CA LYS A 62 3.02 21.97 -6.97
C LYS A 62 3.58 20.58 -7.34
N HIS A 63 3.35 19.58 -6.49
CA HIS A 63 3.80 18.22 -6.79
C HIS A 63 3.01 17.56 -7.92
N SER A 64 1.90 18.16 -8.33
CA SER A 64 1.13 17.67 -9.48
C SER A 64 1.90 17.77 -10.79
N ASN A 65 2.93 18.62 -10.81
CA ASN A 65 3.69 18.89 -12.01
C ASN A 65 4.34 17.63 -12.55
N ASP A 66 4.16 17.42 -13.85
CA ASP A 66 4.78 16.32 -14.56
C ASP A 66 4.36 14.94 -14.05
N THR A 67 3.12 14.83 -13.56
CA THR A 67 2.51 13.56 -13.21
C THR A 67 2.07 12.73 -14.42
N VAL A 68 2.50 13.11 -15.63
CA VAL A 68 2.27 12.26 -16.81
C VAL A 68 3.03 10.95 -16.69
N HIS A 69 4.13 10.95 -15.94
CA HIS A 69 4.96 9.75 -15.79
C HIS A 69 4.21 8.60 -15.11
N ASP A 70 4.48 7.39 -15.55
CA ASP A 70 3.69 6.22 -15.13
C ASP A 70 4.14 5.63 -13.81
N ARG A 71 5.45 5.71 -13.51
CA ARG A 71 6.03 4.95 -12.40
C ARG A 71 6.96 5.84 -11.57
N ILE A 72 6.48 6.18 -10.37
CA ILE A 72 7.29 6.79 -9.32
C ILE A 72 6.98 6.03 -8.03
N PRO A 73 7.88 6.08 -7.04
CA PRO A 73 7.67 5.29 -5.81
C PRO A 73 6.52 5.79 -4.92
N HIS A 74 5.96 6.95 -5.24
CA HIS A 74 4.92 7.56 -4.42
C HIS A 74 3.52 7.18 -4.87
N ARG A 75 3.42 6.45 -5.99
CA ARG A 75 2.13 5.96 -6.43
C ARG A 75 1.64 4.90 -5.46
N THR A 76 0.37 5.05 -5.07
CA THR A 76 -0.29 4.13 -4.16
C THR A 76 -1.69 3.84 -4.70
N LEU A 77 -2.23 2.68 -4.37
CA LEU A 77 -3.57 2.30 -4.78
C LEU A 77 -4.57 2.94 -3.83
N LEU A 78 -5.50 3.72 -4.39
CA LEU A 78 -6.56 4.37 -3.64
C LEU A 78 -7.83 3.54 -3.74
N MET A 79 -8.61 3.51 -2.66
CA MET A 79 -9.86 2.76 -2.62
C MET A 79 -10.92 3.51 -1.82
N ASN A 80 -12.01 3.89 -2.50
CA ASN A 80 -13.19 4.48 -1.88
C ASN A 80 -14.45 3.75 -2.32
N GLU A 81 -15.55 3.96 -1.60
CA GLU A 81 -16.84 3.55 -2.11
C GLU A 81 -17.09 4.25 -3.43
N LEU A 82 -17.73 3.55 -4.37
CA LEU A 82 -18.00 4.11 -5.69
C LEU A 82 -18.81 5.40 -5.58
N GLY A 83 -18.30 6.46 -6.18
CA GLY A 83 -18.97 7.76 -6.13
C GLY A 83 -18.42 8.72 -5.10
N VAL A 84 -17.55 8.23 -4.20
CA VAL A 84 -16.86 9.10 -3.25
C VAL A 84 -15.57 9.51 -3.94
N PRO A 85 -15.44 10.79 -4.28
CA PRO A 85 -14.23 11.19 -5.00
C PRO A 85 -12.99 11.04 -4.12
N PHE A 86 -11.82 11.04 -4.73
CA PHE A 86 -10.59 10.79 -3.99
C PHE A 86 -10.14 12.03 -3.22
N HIS A 87 -10.80 12.24 -2.08
CA HIS A 87 -10.49 13.32 -1.14
C HIS A 87 -9.38 12.87 -0.18
N LEU A 88 -8.97 13.75 0.74
CA LEU A 88 -7.79 13.49 1.57
C LEU A 88 -7.97 12.42 2.64
N GLY A 89 -9.21 12.03 2.90
CA GLY A 89 -9.51 10.91 3.78
C GLY A 89 -9.49 9.56 3.08
N THR A 90 -9.18 9.55 1.79
CA THR A 90 -9.06 8.31 1.02
C THR A 90 -7.94 7.40 1.55
N ARG A 91 -8.23 6.11 1.67
CA ARG A 91 -7.23 5.14 2.09
C ARG A 91 -6.33 4.71 0.95
N GLN A 92 -5.02 4.80 1.18
CA GLN A 92 -4.02 4.25 0.28
C GLN A 92 -3.76 2.81 0.72
N VAL A 93 -4.23 1.88 -0.10
CA VAL A 93 -4.30 0.47 0.26
C VAL A 93 -2.94 -0.23 0.21
N CYS A 94 -2.07 0.23 -0.69
CA CYS A 94 -0.75 -0.34 -0.84
C CYS A 94 0.07 0.57 -1.73
N ILE A 95 1.36 0.24 -1.87
CA ILE A 95 2.24 0.98 -2.77
C ILE A 95 2.14 0.30 -4.14
N ALA A 96 1.85 1.09 -5.18
CA ALA A 96 1.58 0.50 -6.50
C ALA A 96 1.62 1.49 -7.64
N TRP A 97 2.41 1.17 -8.67
CA TRP A 97 2.27 1.86 -9.96
C TRP A 97 1.60 0.97 -11.02
N SER A 98 1.17 -0.22 -10.60
CA SER A 98 0.32 -1.12 -11.39
C SER A 98 -0.41 -1.98 -10.38
N SER A 99 -1.70 -2.25 -10.61
CA SER A 99 -2.48 -3.03 -9.64
C SER A 99 -3.66 -3.80 -10.21
N SER A 100 -4.18 -4.69 -9.37
CA SER A 100 -5.46 -5.37 -9.58
C SER A 100 -6.03 -5.68 -8.20
N SER A 101 -7.35 -5.61 -8.06
CA SER A 101 -8.02 -5.96 -6.80
C SER A 101 -9.28 -6.78 -7.05
N CYS A 102 -9.63 -7.63 -6.09
CA CYS A 102 -10.86 -8.40 -6.17
C CYS A 102 -11.24 -8.98 -4.81
N HIS A 103 -12.53 -9.22 -4.65
CA HIS A 103 -13.09 -9.76 -3.41
C HIS A 103 -13.53 -11.18 -3.71
N ASP A 104 -13.15 -12.13 -2.86
CA ASP A 104 -13.45 -13.55 -3.11
C ASP A 104 -14.72 -14.05 -2.42
N GLY A 105 -15.48 -13.12 -1.85
CA GLY A 105 -16.68 -13.44 -1.10
C GLY A 105 -16.46 -13.29 0.41
N LYS A 106 -15.21 -13.43 0.84
CA LYS A 106 -14.84 -13.28 2.25
C LYS A 106 -13.97 -12.05 2.52
N ALA A 107 -13.01 -11.77 1.64
CA ALA A 107 -12.10 -10.62 1.84
C ALA A 107 -11.51 -10.14 0.54
N TRP A 108 -10.89 -8.96 0.61
CA TRP A 108 -10.24 -8.32 -0.54
C TRP A 108 -8.82 -8.83 -0.74
N LEU A 109 -8.49 -9.09 -2.00
CA LEU A 109 -7.13 -9.29 -2.45
C LEU A 109 -6.71 -8.05 -3.21
N HIS A 110 -5.50 -7.57 -2.94
CA HIS A 110 -4.89 -6.52 -3.72
C HIS A 110 -3.55 -7.01 -4.23
N VAL A 111 -3.30 -6.80 -5.51
CA VAL A 111 -2.03 -7.10 -6.16
C VAL A 111 -1.40 -5.76 -6.50
N CYS A 112 -0.26 -5.47 -5.86
CA CYS A 112 0.34 -4.14 -5.90
C CYS A 112 1.79 -4.23 -6.34
N ILE A 113 2.12 -3.56 -7.43
CA ILE A 113 3.45 -3.64 -8.01
C ILE A 113 4.14 -2.28 -7.91
N THR A 114 5.37 -2.27 -7.42
CA THR A 114 6.15 -1.03 -7.27
C THR A 114 7.66 -1.34 -7.32
N GLY A 115 8.48 -0.31 -7.25
CA GLY A 115 9.94 -0.46 -7.30
C GLY A 115 10.54 -0.18 -8.66
N ASP A 116 11.80 -0.59 -8.82
CA ASP A 116 12.58 -0.32 -10.03
C ASP A 116 12.00 -1.00 -11.27
N ASP A 117 12.07 -0.30 -12.41
CA ASP A 117 11.58 -0.86 -13.68
C ASP A 117 12.15 -2.23 -13.98
N LYS A 118 13.45 -2.40 -13.76
CA LYS A 118 14.14 -3.65 -14.09
C LYS A 118 14.09 -4.70 -12.99
N ASN A 119 13.46 -4.40 -11.87
CA ASN A 119 13.45 -5.32 -10.73
C ASN A 119 12.31 -5.00 -9.77
N ALA A 120 11.08 -5.03 -10.29
CA ALA A 120 9.90 -4.64 -9.51
C ALA A 120 9.49 -5.74 -8.53
N THR A 121 8.63 -5.37 -7.59
CA THR A 121 8.07 -6.30 -6.62
C THR A 121 6.55 -6.24 -6.71
N ALA A 122 5.91 -7.40 -6.81
CA ALA A 122 4.47 -7.49 -6.65
C ALA A 122 4.16 -8.01 -5.25
N SER A 123 3.40 -7.24 -4.47
CA SER A 123 2.92 -7.67 -3.15
C SER A 123 1.49 -8.17 -3.27
N PHE A 124 1.17 -9.23 -2.53
CA PHE A 124 -0.17 -9.79 -2.48
C PHE A 124 -0.71 -9.61 -1.08
N ILE A 125 -1.73 -8.77 -0.96
CA ILE A 125 -2.31 -8.38 0.30
C ILE A 125 -3.75 -8.91 0.35
N TYR A 126 -4.04 -9.73 1.35
CA TYR A 126 -5.35 -10.36 1.49
C TYR A 126 -5.85 -10.18 2.90
N ASP A 127 -7.11 -9.75 3.03
CA ASP A 127 -7.74 -9.58 4.33
C ASP A 127 -6.86 -8.72 5.25
N GLY A 128 -6.31 -7.65 4.69
CA GLY A 128 -5.57 -6.66 5.46
C GLY A 128 -4.14 -7.02 5.83
N ARG A 129 -3.60 -8.09 5.27
CA ARG A 129 -2.20 -8.44 5.56
C ARG A 129 -1.45 -8.92 4.33
N LEU A 130 -0.15 -8.68 4.32
CA LEU A 130 0.70 -9.14 3.23
C LEU A 130 0.91 -10.63 3.38
N VAL A 131 0.53 -11.38 2.34
CA VAL A 131 0.60 -12.85 2.38
C VAL A 131 1.70 -13.40 1.47
N ASP A 132 2.02 -12.70 0.39
CA ASP A 132 3.01 -13.20 -0.56
C ASP A 132 3.60 -12.06 -1.36
N SER A 133 4.67 -12.38 -2.09
CA SER A 133 5.27 -11.45 -3.04
C SER A 133 6.04 -12.22 -4.10
N ILE A 134 6.19 -11.61 -5.26
CA ILE A 134 7.02 -12.18 -6.32
C ILE A 134 7.80 -11.05 -6.96
N GLY A 135 9.04 -11.36 -7.35
CA GLY A 135 9.88 -10.41 -8.07
C GLY A 135 9.75 -10.57 -9.58
N SER A 136 10.23 -9.56 -10.29
CA SER A 136 10.26 -9.53 -11.75
C SER A 136 10.93 -10.77 -12.33
N TRP A 137 10.29 -11.41 -13.31
CA TRP A 137 10.87 -12.59 -13.98
C TRP A 137 11.59 -12.27 -15.29
N SER A 138 11.34 -11.09 -15.86
CA SER A 138 12.00 -10.67 -17.12
C SER A 138 12.71 -9.33 -17.03
N GLN A 139 12.74 -8.74 -15.84
CA GLN A 139 13.51 -7.52 -15.59
C GLN A 139 13.11 -6.37 -16.50
N ASN A 140 11.82 -6.24 -16.77
CA ASN A 140 11.34 -5.20 -17.66
C ASN A 140 9.87 -4.84 -17.39
N ILE A 141 9.69 -4.16 -16.26
CA ILE A 141 8.39 -3.60 -15.83
C ILE A 141 7.32 -4.68 -15.63
N LEU A 142 7.52 -5.49 -14.59
CA LEU A 142 6.48 -6.39 -14.12
C LEU A 142 5.20 -5.57 -13.95
N ARG A 143 4.08 -6.05 -14.48
CA ARG A 143 2.87 -5.25 -14.55
C ARG A 143 1.62 -6.11 -14.66
N THR A 144 0.47 -5.53 -14.34
CA THR A 144 -0.78 -6.31 -14.28
C THR A 144 -2.00 -5.55 -14.84
N GLN A 145 -3.19 -5.95 -14.43
CA GLN A 145 -4.42 -5.65 -15.19
C GLN A 145 -4.89 -4.19 -15.20
N GLU A 146 -4.70 -3.47 -14.09
CA GLU A 146 -5.34 -2.17 -13.86
C GLU A 146 -6.88 -2.27 -13.89
N SER A 147 -7.40 -3.45 -13.55
CA SER A 147 -8.83 -3.64 -13.31
C SER A 147 -9.00 -4.88 -12.45
N GLU A 148 -10.25 -5.26 -12.15
CA GLU A 148 -10.48 -6.29 -11.14
C GLU A 148 -10.00 -7.67 -11.55
N CYS A 149 -9.44 -8.40 -10.59
CA CYS A 149 -9.17 -9.82 -10.77
C CYS A 149 -10.48 -10.58 -10.51
N VAL A 150 -10.43 -11.90 -10.61
CA VAL A 150 -11.65 -12.70 -10.51
C VAL A 150 -11.37 -13.94 -9.66
N CYS A 151 -12.28 -14.21 -8.73
CA CYS A 151 -12.15 -15.33 -7.81
C CYS A 151 -13.33 -16.27 -7.95
N ILE A 152 -13.04 -17.58 -7.98
CA ILE A 152 -14.07 -18.61 -7.97
C ILE A 152 -13.69 -19.65 -6.92
N ASN A 153 -14.62 -19.91 -6.01
CA ASN A 153 -14.44 -20.89 -4.93
C ASN A 153 -13.14 -20.68 -4.14
N GLY A 154 -12.79 -19.43 -3.88
CA GLY A 154 -11.62 -19.10 -3.06
C GLY A 154 -10.30 -19.01 -3.79
N THR A 155 -10.29 -19.29 -5.10
CA THR A 155 -9.08 -19.13 -5.90
C THR A 155 -9.25 -17.90 -6.79
N CYS A 156 -8.36 -16.94 -6.64
CA CYS A 156 -8.37 -15.73 -7.46
C CYS A 156 -7.30 -15.84 -8.53
N THR A 157 -7.61 -15.33 -9.72
CA THR A 157 -6.65 -15.35 -10.81
C THR A 157 -6.38 -13.93 -11.27
N VAL A 158 -5.14 -13.68 -11.68
CA VAL A 158 -4.72 -12.39 -12.21
C VAL A 158 -3.67 -12.61 -13.29
N VAL A 159 -3.71 -11.77 -14.32
CA VAL A 159 -2.78 -11.87 -15.43
C VAL A 159 -1.72 -10.80 -15.27
N MET A 160 -0.46 -11.21 -15.44
CA MET A 160 0.68 -10.33 -15.29
C MET A 160 1.64 -10.49 -16.47
N THR A 161 2.31 -9.41 -16.82
CA THR A 161 3.25 -9.42 -17.91
C THR A 161 4.57 -8.81 -17.46
N ASP A 162 5.67 -9.32 -18.01
CA ASP A 162 7.00 -8.75 -17.75
C ASP A 162 7.76 -8.88 -19.06
N GLY A 163 8.41 -7.80 -19.49
CA GLY A 163 9.10 -7.82 -20.77
C GLY A 163 8.69 -6.67 -21.65
N SER A 164 9.04 -6.77 -22.94
CA SER A 164 8.91 -5.66 -23.87
C SER A 164 7.44 -5.25 -24.07
N ALA A 165 7.23 -3.94 -24.19
CA ALA A 165 5.92 -3.38 -24.53
C ALA A 165 5.70 -3.31 -26.05
N SER A 166 6.73 -3.66 -26.82
CA SER A 166 6.71 -3.51 -28.27
C SER A 166 7.26 -4.74 -28.97
N GLY A 167 7.11 -5.89 -28.33
CA GLY A 167 7.68 -7.14 -28.83
C GLY A 167 7.29 -8.27 -27.90
N ARG A 168 7.71 -9.49 -28.26
CA ARG A 168 7.45 -10.67 -27.45
C ARG A 168 7.79 -10.42 -25.97
N ALA A 169 6.84 -10.71 -25.09
CA ALA A 169 7.04 -10.56 -23.64
C ALA A 169 6.70 -11.87 -22.94
N ASP A 170 6.76 -11.87 -21.61
CA ASP A 170 6.55 -13.06 -20.80
C ASP A 170 5.33 -12.87 -19.91
N THR A 171 4.19 -13.40 -20.36
CA THR A 171 2.93 -13.25 -19.66
C THR A 171 2.64 -14.52 -18.87
N ARG A 172 2.22 -14.34 -17.62
CA ARG A 172 1.90 -15.46 -16.74
C ARG A 172 0.58 -15.20 -16.02
N ILE A 173 -0.12 -16.29 -15.74
CA ILE A 173 -1.40 -16.24 -15.05
C ILE A 173 -1.23 -16.85 -13.67
N LEU A 174 -1.54 -16.07 -12.64
CA LEU A 174 -1.34 -16.49 -11.26
C LEU A 174 -2.66 -16.96 -10.65
N PHE A 175 -2.55 -17.94 -9.77
CA PHE A 175 -3.69 -18.47 -9.03
C PHE A 175 -3.38 -18.32 -7.55
N ILE A 176 -4.26 -17.62 -6.85
CA ILE A 176 -3.98 -17.12 -5.51
C ILE A 176 -5.10 -17.52 -4.57
N GLU A 177 -4.75 -18.15 -3.45
CA GLU A 177 -5.72 -18.57 -2.46
C GLU A 177 -5.41 -17.87 -1.15
N GLU A 178 -6.37 -17.08 -0.67
CA GLU A 178 -6.20 -16.27 0.54
C GLU A 178 -4.87 -15.52 0.53
N GLY A 179 -4.52 -14.95 -0.63
CA GLY A 179 -3.30 -14.15 -0.77
C GLY A 179 -2.03 -14.93 -1.10
N LYS A 180 -2.10 -16.26 -1.07
CA LYS A 180 -0.94 -17.12 -1.31
C LYS A 180 -0.95 -17.61 -2.76
N ILE A 181 0.16 -17.41 -3.47
CA ILE A 181 0.28 -17.90 -4.85
C ILE A 181 0.38 -19.43 -4.78
N VAL A 182 -0.57 -20.12 -5.37
CA VAL A 182 -0.57 -21.60 -5.35
C VAL A 182 -0.15 -22.24 -6.66
N HIS A 183 -0.19 -21.46 -7.74
CA HIS A 183 0.18 -21.95 -9.06
C HIS A 183 0.40 -20.77 -10.01
N ILE A 184 1.34 -20.94 -10.94
CA ILE A 184 1.58 -19.96 -12.00
C ILE A 184 1.63 -20.69 -13.34
N SER A 185 0.78 -20.27 -14.28
CA SER A 185 0.75 -20.85 -15.61
C SER A 185 1.26 -19.85 -16.63
N PRO A 186 2.15 -20.30 -17.52
CA PRO A 186 2.54 -19.40 -18.61
C PRO A 186 1.40 -19.22 -19.60
N LEU A 187 1.38 -18.07 -20.27
CA LEU A 187 0.45 -17.86 -21.37
C LEU A 187 0.65 -18.97 -22.41
N SER A 188 -0.46 -19.47 -22.95
CA SER A 188 -0.45 -20.43 -24.04
C SER A 188 -1.53 -20.01 -25.05
N GLY A 189 -1.50 -20.61 -26.24
CA GLY A 189 -2.46 -20.27 -27.30
C GLY A 189 -1.86 -19.35 -28.33
N SER A 190 -2.70 -18.59 -29.04
CA SER A 190 -2.25 -17.82 -30.19
C SER A 190 -2.13 -16.31 -29.97
N ALA A 191 -2.47 -15.81 -28.78
CA ALA A 191 -2.26 -14.38 -28.51
C ALA A 191 -0.76 -14.11 -28.47
N GLN A 192 -0.31 -13.07 -29.15
CA GLN A 192 1.12 -12.81 -29.28
C GLN A 192 1.64 -11.70 -28.38
N HIS A 193 0.73 -10.92 -27.80
CA HIS A 193 1.10 -9.90 -26.83
C HIS A 193 -0.08 -9.59 -25.94
N ILE A 194 0.17 -9.57 -24.62
CA ILE A 194 -0.88 -9.38 -23.63
C ILE A 194 -0.54 -8.27 -22.64
N GLU A 195 -1.41 -7.27 -22.56
CA GLU A 195 -1.30 -6.19 -21.58
C GLU A 195 -2.67 -5.92 -20.99
N GLU A 196 -2.71 -5.57 -19.70
CA GLU A 196 -3.86 -4.87 -19.13
C GLU A 196 -5.19 -5.59 -19.36
N CYS A 197 -5.24 -6.86 -18.97
CA CYS A 197 -6.44 -7.66 -19.20
C CYS A 197 -7.65 -7.19 -18.41
N SER A 198 -8.79 -7.19 -19.08
CA SER A 198 -10.07 -6.93 -18.46
C SER A 198 -10.80 -8.27 -18.38
N CYS A 199 -10.83 -8.82 -17.18
CA CYS A 199 -11.27 -10.21 -16.98
C CYS A 199 -12.63 -10.28 -16.30
N TYR A 200 -13.34 -11.38 -16.53
CA TYR A 200 -14.64 -11.57 -15.93
C TYR A 200 -14.94 -13.04 -15.71
N PRO A 201 -15.72 -13.34 -14.67
CA PRO A 201 -16.09 -14.73 -14.42
C PRO A 201 -17.03 -15.22 -15.51
N ARG A 202 -16.73 -16.40 -16.04
CA ARG A 202 -17.61 -17.08 -16.99
C ARG A 202 -17.62 -18.54 -16.53
N TYR A 203 -18.34 -18.79 -15.45
CA TYR A 203 -18.30 -20.07 -14.75
C TYR A 203 -18.38 -21.23 -15.75
N PRO A 204 -17.51 -22.24 -15.59
CA PRO A 204 -16.58 -22.51 -14.50
C PRO A 204 -15.21 -21.83 -14.58
N GLY A 205 -15.01 -20.95 -15.57
CA GLY A 205 -13.70 -20.35 -15.80
C GLY A 205 -13.71 -18.82 -15.74
N VAL A 206 -12.60 -18.24 -16.19
CA VAL A 206 -12.44 -16.80 -16.27
C VAL A 206 -12.02 -16.46 -17.69
N ARG A 207 -12.57 -15.39 -18.23
CA ARG A 207 -12.26 -14.94 -19.58
C ARG A 207 -11.76 -13.49 -19.52
N CYS A 208 -10.72 -13.19 -20.29
CA CYS A 208 -10.11 -11.86 -20.30
C CYS A 208 -10.01 -11.36 -21.71
N ILE A 209 -10.31 -10.07 -21.88
CA ILE A 209 -10.09 -9.39 -23.15
C ILE A 209 -9.05 -8.32 -22.85
N CYS A 210 -7.97 -8.30 -23.62
CA CYS A 210 -6.77 -7.55 -23.23
C CYS A 210 -6.33 -6.56 -24.32
N ARG A 211 -5.07 -6.13 -24.23
CA ARG A 211 -4.48 -5.15 -25.12
C ARG A 211 -3.22 -5.77 -25.72
N ASP A 212 -3.17 -5.83 -27.05
CA ASP A 212 -1.97 -6.21 -27.79
C ASP A 212 -1.26 -4.91 -28.17
N ASN A 213 -0.08 -4.71 -27.62
CA ASN A 213 0.67 -3.48 -27.80
C ASN A 213 1.72 -3.58 -28.89
N TRP A 214 1.75 -4.72 -29.58
CA TRP A 214 2.84 -5.05 -30.48
C TRP A 214 2.37 -5.07 -31.94
N LYS A 215 1.55 -6.06 -32.32
CA LYS A 215 1.12 -6.23 -33.72
C LYS A 215 -0.38 -6.19 -33.98
N GLY A 216 -1.20 -6.06 -32.92
CA GLY A 216 -2.65 -6.17 -33.06
C GLY A 216 -3.43 -4.95 -32.62
N SER A 217 -4.35 -4.50 -33.49
CA SER A 217 -5.40 -3.57 -33.10
C SER A 217 -6.69 -4.33 -32.80
N ASN A 218 -6.71 -5.62 -33.11
CA ASN A 218 -7.71 -6.53 -32.56
C ASN A 218 -7.30 -6.94 -31.14
N ARG A 219 -8.29 -7.11 -30.27
CA ARG A 219 -8.00 -7.40 -28.85
C ARG A 219 -7.80 -8.89 -28.61
N PRO A 220 -6.71 -9.26 -27.92
CA PRO A 220 -6.53 -10.66 -27.57
C PRO A 220 -7.49 -11.12 -26.49
N VAL A 221 -7.72 -12.43 -26.47
CA VAL A 221 -8.55 -13.10 -25.48
C VAL A 221 -7.65 -14.06 -24.71
N VAL A 222 -7.79 -14.11 -23.39
CA VAL A 222 -7.13 -15.13 -22.59
C VAL A 222 -8.22 -15.88 -21.82
N ASP A 223 -8.24 -17.20 -21.98
CA ASP A 223 -9.20 -18.06 -21.28
C ASP A 223 -8.45 -18.85 -20.22
N ILE A 224 -8.96 -18.78 -18.99
CA ILE A 224 -8.31 -19.35 -17.83
C ILE A 224 -9.17 -20.46 -17.26
N ASN A 225 -8.63 -21.67 -17.25
CA ASN A 225 -9.30 -22.83 -16.67
C ASN A 225 -8.93 -22.93 -15.19
N MET A 226 -9.92 -22.72 -14.34
CA MET A 226 -9.70 -22.67 -12.90
C MET A 226 -9.61 -24.06 -12.27
N GLU A 227 -10.05 -25.08 -12.99
CA GLU A 227 -9.96 -26.47 -12.51
C GLU A 227 -8.54 -27.01 -12.62
N ASP A 228 -7.94 -26.95 -13.80
CA ASP A 228 -6.60 -27.53 -14.02
C ASP A 228 -5.49 -26.50 -14.31
N TYR A 229 -5.83 -25.22 -14.24
CA TYR A 229 -4.87 -24.12 -14.46
C TYR A 229 -4.40 -23.96 -15.91
N SER A 230 -5.04 -24.65 -16.85
CA SER A 230 -4.64 -24.53 -18.25
C SER A 230 -5.10 -23.20 -18.82
N ILE A 231 -4.35 -22.74 -19.83
CA ILE A 231 -4.55 -21.43 -20.42
C ILE A 231 -4.73 -21.58 -21.93
N ASP A 232 -5.67 -20.82 -22.48
CA ASP A 232 -5.82 -20.71 -23.92
C ASP A 232 -5.87 -19.22 -24.26
N SER A 233 -5.59 -18.89 -25.51
CA SER A 233 -5.68 -17.50 -25.95
C SER A 233 -5.91 -17.41 -27.44
N SER A 234 -6.47 -16.29 -27.87
CA SER A 234 -6.81 -16.04 -29.26
C SER A 234 -7.06 -14.53 -29.43
N TYR A 235 -7.79 -14.13 -30.47
CA TYR A 235 -8.22 -12.74 -30.60
C TYR A 235 -9.73 -12.67 -30.78
N VAL A 236 -10.32 -11.55 -30.38
CA VAL A 236 -11.73 -11.30 -30.60
C VAL A 236 -12.01 -11.35 -32.10
N CYS A 237 -13.03 -12.14 -32.50
CA CYS A 237 -13.37 -12.34 -33.92
C CYS A 237 -13.81 -11.07 -34.65
N SER A 238 -14.51 -10.19 -33.94
CA SER A 238 -15.12 -9.00 -34.52
C SER A 238 -14.20 -8.23 -35.47
N GLY A 239 -14.72 -7.93 -36.66
CA GLY A 239 -14.03 -7.07 -37.61
C GLY A 239 -14.11 -5.60 -37.22
N LEU A 240 -15.03 -5.27 -36.31
CA LEU A 240 -15.00 -3.98 -35.64
C LEU A 240 -14.12 -4.17 -34.43
N VAL A 241 -12.88 -3.70 -34.54
CA VAL A 241 -11.85 -4.00 -33.54
C VAL A 241 -11.85 -2.97 -32.41
N GLY A 242 -11.32 -3.37 -31.26
CA GLY A 242 -11.48 -2.61 -30.02
C GLY A 242 -10.33 -1.73 -29.56
N ASP A 243 -9.16 -1.86 -30.18
CA ASP A 243 -7.98 -1.14 -29.71
C ASP A 243 -7.92 0.25 -30.33
N THR A 244 -7.04 1.08 -29.79
CA THR A 244 -6.70 2.39 -30.34
C THR A 244 -5.19 2.53 -30.24
N PRO A 245 -4.49 2.74 -31.37
CA PRO A 245 -5.01 2.96 -32.72
C PRO A 245 -5.55 1.71 -33.42
N ARG A 246 -6.24 1.93 -34.52
CA ARG A 246 -6.81 0.88 -35.35
C ARG A 246 -7.14 1.49 -36.71
N ASN A 247 -7.39 0.63 -37.71
CA ASN A 247 -7.91 1.09 -39.00
C ASN A 247 -9.37 1.51 -38.85
N ASP A 248 -9.86 2.27 -39.82
CA ASP A 248 -11.29 2.57 -39.87
C ASP A 248 -12.10 1.29 -40.10
N ASP A 249 -13.40 1.37 -39.85
CA ASP A 249 -14.27 0.19 -39.87
C ASP A 249 -14.31 -0.52 -41.23
N SER A 250 -14.10 0.23 -42.32
CA SER A 250 -14.13 -0.36 -43.66
C SER A 250 -12.86 -1.15 -44.01
N SER A 251 -11.77 -0.92 -43.28
CA SER A 251 -10.49 -1.57 -43.60
C SER A 251 -9.85 -2.31 -42.41
N SER A 252 -10.61 -2.51 -41.34
CA SER A 252 -10.16 -3.25 -40.17
C SER A 252 -10.51 -4.72 -40.31
N ASN A 253 -9.66 -5.60 -39.78
CA ASN A 253 -9.89 -7.04 -39.85
C ASN A 253 -9.49 -7.78 -38.58
N SER A 254 -10.15 -8.92 -38.35
CA SER A 254 -9.68 -9.91 -37.38
C SER A 254 -10.05 -11.31 -37.85
N ASN A 255 -9.13 -12.27 -37.69
CA ASN A 255 -9.40 -13.67 -38.03
C ASN A 255 -9.60 -14.59 -36.82
N CYS A 256 -9.73 -13.99 -35.63
CA CYS A 256 -9.93 -14.71 -34.35
C CYS A 256 -8.67 -15.36 -33.78
N ARG A 257 -7.59 -15.43 -34.55
CA ARG A 257 -6.42 -16.25 -34.16
C ARG A 257 -5.10 -15.48 -34.05
N ASN A 258 -4.89 -14.53 -34.96
CA ASN A 258 -3.61 -13.82 -35.05
C ASN A 258 -3.80 -12.33 -34.87
N PRO A 259 -2.74 -11.63 -34.41
CA PRO A 259 -2.79 -10.17 -34.46
C PRO A 259 -2.94 -9.71 -35.91
N ASN A 260 -3.72 -8.66 -36.14
CA ASN A 260 -4.10 -8.27 -37.49
C ASN A 260 -3.04 -7.44 -38.25
N ASN A 261 -1.99 -7.02 -37.55
CA ASN A 261 -0.94 -6.17 -38.14
C ASN A 261 -1.50 -4.92 -38.81
N GLU A 262 -2.54 -4.35 -38.21
CA GLU A 262 -3.14 -3.11 -38.66
C GLU A 262 -2.98 -2.07 -37.55
N ARG A 263 -2.07 -1.12 -37.74
CA ARG A 263 -1.75 -0.13 -36.70
C ARG A 263 -1.65 -0.82 -35.34
N GLY A 264 -0.91 -1.91 -35.31
CA GLY A 264 -0.88 -2.82 -34.17
C GLY A 264 -0.13 -2.29 -32.96
N THR A 265 0.96 -1.58 -33.21
CA THR A 265 1.78 -1.08 -32.11
C THR A 265 1.00 -0.09 -31.25
N GLN A 266 1.34 -0.05 -29.97
CA GLN A 266 0.62 0.75 -28.97
C GLN A 266 -0.80 0.21 -28.79
N GLY A 267 -1.61 0.93 -28.01
CA GLY A 267 -2.92 0.44 -27.66
C GLY A 267 -3.51 1.23 -26.50
N VAL A 268 -4.62 0.73 -25.99
CA VAL A 268 -5.28 1.29 -24.83
C VAL A 268 -6.00 0.14 -24.14
N LYS A 269 -6.04 0.15 -22.81
CA LYS A 269 -6.79 -0.86 -22.08
C LYS A 269 -8.26 -0.75 -22.44
N GLY A 270 -8.90 -1.90 -22.69
CA GLY A 270 -10.31 -1.94 -23.00
C GLY A 270 -10.94 -3.27 -22.63
N TRP A 271 -12.15 -3.51 -23.13
CA TRP A 271 -12.93 -4.68 -22.71
C TRP A 271 -13.93 -5.11 -23.77
N ALA A 272 -14.41 -6.33 -23.62
CA ALA A 272 -15.52 -6.85 -24.40
C ALA A 272 -15.99 -8.09 -23.66
N PHE A 273 -17.19 -8.56 -23.98
CA PHE A 273 -17.62 -9.84 -23.45
C PHE A 273 -18.55 -10.55 -24.42
N ASP A 274 -18.52 -11.88 -24.38
CA ASP A 274 -19.33 -12.70 -25.28
C ASP A 274 -20.75 -12.86 -24.75
N ASN A 275 -21.70 -12.96 -25.68
CA ASN A 275 -23.02 -13.49 -25.37
C ASN A 275 -23.44 -14.41 -26.51
N GLY A 276 -23.24 -15.70 -26.31
CA GLY A 276 -23.44 -16.68 -27.36
C GLY A 276 -22.47 -16.39 -28.48
N ASN A 277 -23.00 -16.22 -29.69
CA ASN A 277 -22.19 -15.90 -30.85
C ASN A 277 -21.85 -14.41 -30.97
N ASP A 278 -22.55 -13.57 -30.20
CA ASP A 278 -22.42 -12.13 -30.29
C ASP A 278 -21.42 -11.57 -29.27
N LEU A 279 -21.06 -10.30 -29.47
CA LEU A 279 -20.06 -9.63 -28.64
C LEU A 279 -20.56 -8.25 -28.24
N TRP A 280 -20.52 -7.96 -26.95
CA TRP A 280 -20.69 -6.60 -26.46
C TRP A 280 -19.29 -6.03 -26.26
N MET A 281 -19.06 -4.82 -26.73
CA MET A 281 -17.74 -4.19 -26.62
C MET A 281 -17.84 -2.68 -26.54
N GLY A 282 -16.82 -2.08 -25.94
CA GLY A 282 -16.61 -0.64 -25.97
C GLY A 282 -15.33 -0.31 -26.70
N ARG A 283 -15.22 0.94 -27.13
CA ARG A 283 -13.96 1.44 -27.70
C ARG A 283 -14.02 2.96 -27.75
N THR A 284 -12.87 3.58 -27.98
CA THR A 284 -12.84 5.02 -28.21
C THR A 284 -13.53 5.28 -29.55
N ILE A 285 -14.14 6.46 -29.70
CA ILE A 285 -14.81 6.78 -30.96
C ILE A 285 -13.75 7.09 -32.01
N SER A 286 -12.74 7.86 -31.64
CA SER A 286 -11.61 8.10 -32.53
C SER A 286 -10.80 6.83 -32.75
N LYS A 287 -10.37 6.62 -33.99
CA LYS A 287 -9.56 5.43 -34.31
C LYS A 287 -8.08 5.65 -34.02
N GLU A 288 -7.65 6.90 -33.80
CA GLU A 288 -6.24 7.21 -33.58
C GLU A 288 -5.94 7.74 -32.18
N SER A 289 -6.90 8.39 -31.54
CA SER A 289 -6.67 9.02 -30.23
C SER A 289 -7.66 8.55 -29.18
N ARG A 290 -7.32 8.80 -27.93
CA ARG A 290 -8.16 8.41 -26.80
C ARG A 290 -9.24 9.45 -26.57
N SER A 291 -10.15 9.53 -27.55
CA SER A 291 -11.19 10.53 -27.59
C SER A 291 -12.52 9.83 -27.83
N GLY A 292 -13.53 10.25 -27.09
CA GLY A 292 -14.86 9.65 -27.17
C GLY A 292 -14.90 8.24 -26.62
N TYR A 293 -16.11 7.73 -26.44
CA TYR A 293 -16.30 6.34 -26.05
C TYR A 293 -17.68 5.86 -26.47
N GLU A 294 -17.73 4.67 -27.06
CA GLU A 294 -18.96 4.09 -27.58
C GLU A 294 -19.03 2.61 -27.21
N THR A 295 -20.24 2.12 -27.04
CA THR A 295 -20.49 0.69 -26.89
C THR A 295 -21.47 0.23 -27.95
N PHE A 296 -21.40 -1.06 -28.29
CA PHE A 296 -22.35 -1.68 -29.21
C PHE A 296 -22.25 -3.19 -29.13
N LYS A 297 -23.26 -3.86 -29.68
CA LYS A 297 -23.24 -5.30 -29.85
C LYS A 297 -22.85 -5.60 -31.29
N VAL A 298 -21.89 -6.51 -31.47
CA VAL A 298 -21.55 -7.00 -32.80
C VAL A 298 -22.21 -8.36 -32.99
N ILE A 299 -23.06 -8.45 -34.01
CA ILE A 299 -23.76 -9.68 -34.35
C ILE A 299 -22.73 -10.66 -34.89
N GLY A 300 -22.60 -11.82 -34.26
CA GLY A 300 -21.55 -12.78 -34.60
C GLY A 300 -20.15 -12.35 -34.17
N GLY A 301 -20.07 -11.31 -33.35
CA GLY A 301 -18.80 -10.73 -32.93
C GLY A 301 -17.88 -11.66 -32.15
N TRP A 302 -18.46 -12.67 -31.50
CA TRP A 302 -17.65 -13.64 -30.78
C TRP A 302 -17.24 -14.84 -31.64
N SER A 303 -18.14 -15.31 -32.50
CA SER A 303 -17.98 -16.59 -33.22
C SER A 303 -17.56 -16.46 -34.68
N THR A 304 -17.92 -15.36 -35.32
CA THR A 304 -17.73 -15.21 -36.76
C THR A 304 -16.55 -14.28 -37.06
N PRO A 305 -15.50 -14.81 -37.70
CA PRO A 305 -14.37 -13.98 -38.07
C PRO A 305 -14.79 -12.77 -38.89
N ASN A 306 -14.27 -11.60 -38.52
CA ASN A 306 -14.44 -10.38 -39.30
C ASN A 306 -15.88 -9.86 -39.40
N SER A 307 -16.73 -10.25 -38.44
CA SER A 307 -18.10 -9.78 -38.39
C SER A 307 -18.14 -8.27 -38.13
N LYS A 308 -18.98 -7.56 -38.89
CA LYS A 308 -19.04 -6.09 -38.78
C LYS A 308 -20.45 -5.50 -38.67
N SER A 309 -21.45 -6.35 -38.47
CA SER A 309 -22.80 -5.85 -38.28
C SER A 309 -23.00 -5.52 -36.81
N GLN A 310 -23.18 -4.24 -36.50
CA GLN A 310 -23.44 -3.85 -35.12
C GLN A 310 -24.88 -3.40 -34.91
N VAL A 311 -25.29 -3.39 -33.65
CA VAL A 311 -26.60 -2.92 -33.25
C VAL A 311 -26.50 -2.43 -31.80
N ASN A 312 -27.49 -1.64 -31.37
CA ASN A 312 -27.56 -1.15 -29.99
C ASN A 312 -26.37 -0.30 -29.57
N ARG A 313 -25.91 0.55 -30.48
CA ARG A 313 -24.84 1.48 -30.15
C ARG A 313 -25.33 2.48 -29.11
N GLN A 314 -24.43 2.83 -28.20
CA GLN A 314 -24.63 3.96 -27.30
C GLN A 314 -23.37 4.81 -27.27
N VAL A 315 -23.52 6.12 -27.36
CA VAL A 315 -22.45 7.03 -27.03
C VAL A 315 -22.37 7.16 -25.51
N ILE A 316 -21.18 6.94 -24.95
CA ILE A 316 -20.94 7.16 -23.51
C ILE A 316 -20.27 8.52 -23.33
N VAL A 317 -19.26 8.81 -24.15
CA VAL A 317 -18.58 10.11 -24.17
C VAL A 317 -18.47 10.54 -25.62
N ASP A 318 -18.96 11.73 -25.96
CA ASP A 318 -18.88 12.17 -27.36
C ASP A 318 -17.43 12.42 -27.80
N ASN A 319 -17.22 12.46 -29.12
CA ASN A 319 -15.86 12.52 -29.65
C ASN A 319 -15.20 13.90 -29.57
N ASN A 320 -15.87 14.88 -28.95
CA ASN A 320 -15.23 16.16 -28.63
C ASN A 320 -14.59 16.17 -27.25
N ASN A 321 -14.62 15.02 -26.58
CA ASN A 321 -14.12 14.90 -25.21
C ASN A 321 -13.17 13.73 -25.03
N TRP A 322 -12.24 13.89 -24.09
CA TRP A 322 -11.19 12.92 -23.87
C TRP A 322 -11.71 11.72 -23.10
N SER A 323 -11.28 10.54 -23.50
CA SER A 323 -11.55 9.32 -22.75
C SER A 323 -10.23 8.78 -22.23
N GLY A 324 -9.97 7.49 -22.41
CA GLY A 324 -8.81 6.84 -21.80
C GLY A 324 -9.05 5.36 -21.61
N TYR A 325 -8.47 4.80 -20.55
CA TYR A 325 -8.66 3.38 -20.24
C TYR A 325 -10.13 3.06 -19.97
N SER A 326 -10.50 1.80 -20.22
N SER A 326 -10.48 1.80 -20.19
CA SER A 326 -11.80 1.29 -19.83
CA SER A 326 -11.81 1.28 -19.86
C SER A 326 -11.65 -0.17 -19.43
C SER A 326 -11.67 -0.17 -19.46
N GLY A 327 -12.55 -0.64 -18.58
CA GLY A 327 -12.49 -2.01 -18.10
C GLY A 327 -13.82 -2.51 -17.62
N ILE A 328 -13.92 -3.83 -17.52
CA ILE A 328 -15.13 -4.49 -17.12
C ILE A 328 -15.13 -4.78 -15.61
N PHE A 329 -16.29 -4.79 -15.00
CA PHE A 329 -16.47 -5.47 -13.72
C PHE A 329 -17.79 -6.20 -13.73
N SER A 330 -17.91 -7.21 -12.86
CA SER A 330 -19.10 -8.04 -12.82
C SER A 330 -19.79 -7.90 -11.46
N VAL A 331 -21.12 -7.91 -11.50
CA VAL A 331 -21.94 -7.69 -10.31
C VAL A 331 -23.01 -8.76 -10.23
N GLU A 332 -23.02 -9.52 -9.13
CA GLU A 332 -23.97 -10.60 -8.96
C GLU A 332 -25.36 -10.05 -8.58
N GLY A 333 -26.35 -10.36 -9.41
CA GLY A 333 -27.74 -10.07 -9.13
C GLY A 333 -28.43 -11.29 -8.57
N LYS A 334 -29.73 -11.17 -8.37
CA LYS A 334 -30.54 -12.24 -7.80
C LYS A 334 -30.48 -13.54 -8.62
N SER A 335 -30.64 -13.41 -9.93
N SER A 335 -30.63 -13.42 -9.94
CA SER A 335 -30.71 -14.58 -10.84
CA SER A 335 -30.69 -14.59 -10.82
C SER A 335 -29.58 -14.67 -11.87
C SER A 335 -29.63 -14.63 -11.93
N CYS A 336 -28.84 -13.58 -12.06
CA CYS A 336 -27.80 -13.54 -13.10
C CYS A 336 -26.61 -12.67 -12.72
N ILE A 337 -25.52 -12.84 -13.44
CA ILE A 337 -24.32 -12.03 -13.27
C ILE A 337 -24.37 -10.94 -14.32
N ASN A 338 -24.31 -9.69 -13.88
CA ASN A 338 -24.35 -8.55 -14.77
C ASN A 338 -22.94 -8.10 -15.11
N ARG A 339 -22.78 -7.49 -16.29
CA ARG A 339 -21.52 -6.89 -16.70
C ARG A 339 -21.65 -5.38 -16.70
N CYS A 340 -20.66 -4.71 -16.11
CA CYS A 340 -20.58 -3.26 -16.07
C CYS A 340 -19.23 -2.83 -16.58
N PHE A 341 -19.07 -1.54 -16.84
CA PHE A 341 -17.75 -1.02 -17.23
C PHE A 341 -17.57 0.40 -16.76
N TYR A 342 -16.31 0.81 -16.67
CA TYR A 342 -15.93 2.18 -16.33
C TYR A 342 -15.13 2.74 -17.49
N VAL A 343 -15.12 4.06 -17.61
CA VAL A 343 -14.27 4.76 -18.56
C VAL A 343 -13.47 5.81 -17.80
N GLU A 344 -12.15 5.74 -17.97
CA GLU A 344 -11.23 6.73 -17.46
C GLU A 344 -11.25 7.94 -18.38
N LEU A 345 -11.43 9.13 -17.80
CA LEU A 345 -11.54 10.36 -18.56
C LEU A 345 -10.32 11.22 -18.23
N ILE A 346 -9.30 11.11 -19.09
CA ILE A 346 -7.99 11.68 -18.82
C ILE A 346 -7.98 13.15 -19.20
N ARG A 347 -7.55 13.98 -18.25
CA ARG A 347 -7.38 15.42 -18.48
C ARG A 347 -5.93 15.84 -18.23
N GLY A 348 -5.50 16.91 -18.90
CA GLY A 348 -4.17 17.46 -18.72
C GLY A 348 -3.23 16.95 -19.81
N ARG A 349 -1.96 16.77 -19.45
CA ARG A 349 -0.94 16.42 -20.44
C ARG A 349 -1.04 14.94 -20.85
N PRO A 350 -0.59 14.60 -22.07
CA PRO A 350 0.01 15.48 -23.09
C PRO A 350 -0.99 16.27 -23.95
N GLN A 351 -2.27 15.94 -23.90
CA GLN A 351 -3.24 16.54 -24.81
C GLN A 351 -3.58 18.00 -24.50
N GLU A 352 -3.55 18.36 -23.21
CA GLU A 352 -3.91 19.70 -22.77
C GLU A 352 -2.75 20.34 -21.99
N THR A 353 -2.02 21.21 -22.68
CA THR A 353 -0.74 21.71 -22.15
C THR A 353 -0.81 23.01 -21.36
N ARG A 354 -2.01 23.57 -21.17
CA ARG A 354 -2.16 24.70 -20.26
C ARG A 354 -1.70 24.32 -18.86
N VAL A 355 -2.01 23.08 -18.47
CA VAL A 355 -1.65 22.55 -17.16
C VAL A 355 -0.44 21.61 -17.28
N TRP A 356 0.23 21.39 -16.15
CA TRP A 356 1.44 20.57 -16.12
C TRP A 356 1.17 19.15 -15.61
N TRP A 357 0.00 18.94 -15.05
CA TRP A 357 -0.40 17.65 -14.48
C TRP A 357 -1.16 16.80 -15.49
N THR A 358 -1.34 15.53 -15.12
CA THR A 358 -2.19 14.59 -15.83
C THR A 358 -3.01 13.89 -14.76
N SER A 359 -4.34 13.90 -14.93
CA SER A 359 -5.22 13.22 -13.98
C SER A 359 -6.45 12.69 -14.70
N ASN A 360 -7.39 12.14 -13.95
CA ASN A 360 -8.62 11.63 -14.56
C ASN A 360 -9.83 11.69 -13.64
N SER A 361 -11.01 11.65 -14.25
CA SER A 361 -12.24 11.30 -13.55
C SER A 361 -12.76 10.00 -14.17
N ILE A 362 -13.91 9.53 -13.69
CA ILE A 362 -14.49 8.30 -14.21
C ILE A 362 -15.98 8.46 -14.47
N VAL A 363 -16.47 7.66 -15.40
CA VAL A 363 -17.90 7.47 -15.57
C VAL A 363 -18.12 5.96 -15.67
N VAL A 364 -19.27 5.49 -15.19
CA VAL A 364 -19.50 4.06 -15.00
C VAL A 364 -20.92 3.71 -15.43
N PHE A 365 -21.05 2.63 -16.21
CA PHE A 365 -22.33 2.15 -16.72
C PHE A 365 -22.47 0.67 -16.39
N CYS A 366 -23.72 0.23 -16.26
CA CYS A 366 -24.01 -1.17 -15.98
C CYS A 366 -25.00 -1.74 -16.97
N GLY A 367 -24.85 -3.02 -17.27
CA GLY A 367 -25.75 -3.71 -18.18
C GLY A 367 -27.18 -3.60 -17.67
N THR A 368 -28.11 -3.46 -18.61
CA THR A 368 -29.53 -3.41 -18.29
C THR A 368 -30.30 -4.32 -19.24
N SER A 369 -31.37 -4.92 -18.73
CA SER A 369 -32.32 -5.66 -19.54
C SER A 369 -33.52 -4.77 -19.89
N GLY A 370 -33.53 -3.54 -19.39
CA GLY A 370 -34.60 -2.59 -19.66
C GLY A 370 -34.30 -1.72 -20.86
N THR A 371 -34.83 -0.50 -20.86
CA THR A 371 -34.64 0.44 -21.95
C THR A 371 -33.92 1.70 -21.46
N TYR A 372 -33.53 2.55 -22.41
CA TYR A 372 -32.66 3.69 -22.11
C TYR A 372 -32.69 4.64 -23.30
N GLY A 373 -32.10 5.82 -23.11
CA GLY A 373 -32.08 6.84 -24.15
C GLY A 373 -30.67 7.13 -24.61
N THR A 374 -30.34 8.43 -24.70
CA THR A 374 -29.03 8.85 -25.17
C THR A 374 -28.48 9.96 -24.29
N GLY A 375 -27.17 10.13 -24.37
CA GLY A 375 -26.49 11.24 -23.74
C GLY A 375 -25.00 11.21 -23.99
N SER A 376 -24.30 12.06 -23.26
CA SER A 376 -22.84 12.07 -23.26
C SER A 376 -22.41 12.55 -21.89
N TRP A 377 -21.49 11.84 -21.26
CA TRP A 377 -21.11 12.09 -19.88
C TRP A 377 -19.60 12.22 -19.77
N PRO A 378 -19.04 13.34 -20.29
CA PRO A 378 -17.60 13.54 -20.31
C PRO A 378 -17.08 14.02 -18.96
N ASP A 379 -15.78 14.22 -18.85
CA ASP A 379 -15.20 14.72 -17.61
C ASP A 379 -15.86 16.02 -17.14
N GLY A 380 -15.96 16.99 -18.04
CA GLY A 380 -16.71 18.21 -17.79
C GLY A 380 -15.94 19.40 -17.22
N ALA A 381 -14.67 19.22 -16.88
CA ALA A 381 -13.86 20.32 -16.38
C ALA A 381 -13.49 21.27 -17.53
N ASN A 382 -13.48 22.55 -17.23
CA ASN A 382 -12.95 23.58 -18.11
C ASN A 382 -11.47 23.72 -17.82
N ILE A 383 -10.62 23.34 -18.78
CA ILE A 383 -9.17 23.37 -18.59
C ILE A 383 -8.66 24.76 -18.19
N ASN A 384 -9.37 25.80 -18.64
CA ASN A 384 -9.00 27.18 -18.33
C ASN A 384 -9.30 27.60 -16.89
N PHE A 385 -10.15 26.83 -16.20
CA PHE A 385 -10.47 27.08 -14.80
C PHE A 385 -9.54 26.36 -13.83
N MET A 386 -8.66 25.50 -14.33
CA MET A 386 -7.89 24.63 -13.46
C MET A 386 -6.61 25.28 -12.95
N PRO A 387 -6.20 24.95 -11.71
CA PRO A 387 -4.83 25.23 -11.31
C PRO A 387 -3.89 24.51 -12.27
N ILE A 388 -2.79 25.16 -12.62
CA ILE A 388 -1.89 24.59 -13.63
C ILE A 388 -0.87 23.63 -13.02
N VAL B 1 -15.22 -12.32 20.94
CA VAL B 1 -13.79 -11.98 20.69
C VAL B 1 -12.89 -12.58 21.78
N GLU B 2 -11.78 -13.17 21.36
CA GLU B 2 -10.87 -13.90 22.25
C GLU B 2 -9.57 -13.11 22.41
N TYR B 3 -8.89 -13.27 23.53
CA TYR B 3 -7.58 -12.65 23.71
C TYR B 3 -6.57 -13.26 22.75
N ARG B 4 -5.70 -12.41 22.20
CA ARG B 4 -4.57 -12.87 21.40
C ARG B 4 -3.55 -13.58 22.28
N ASN B 5 -3.00 -14.67 21.78
CA ASN B 5 -1.87 -15.34 22.44
C ASN B 5 -0.59 -15.32 21.61
N TRP B 6 -0.71 -15.03 20.31
CA TRP B 6 0.43 -15.07 19.39
C TRP B 6 1.16 -16.41 19.45
N SER B 7 0.43 -17.49 19.69
CA SER B 7 1.04 -18.81 19.90
C SER B 7 1.16 -19.57 18.58
N LYS B 8 1.79 -18.93 17.61
CA LYS B 8 2.12 -19.55 16.33
C LYS B 8 3.60 -19.30 16.07
N PRO B 9 4.23 -20.14 15.25
CA PRO B 9 5.64 -19.91 14.93
C PRO B 9 5.82 -18.62 14.14
N GLN B 10 7.03 -18.06 14.21
CA GLN B 10 7.38 -16.91 13.39
C GLN B 10 7.43 -17.35 11.94
N CYS B 11 6.88 -16.54 11.03
CA CYS B 11 6.96 -16.83 9.60
C CYS B 11 8.42 -16.87 9.18
N GLN B 12 8.78 -17.84 8.35
CA GLN B 12 10.13 -17.86 7.82
C GLN B 12 10.15 -16.87 6.67
N ILE B 13 11.07 -15.92 6.71
CA ILE B 13 11.09 -14.87 5.69
C ILE B 13 12.40 -14.84 4.91
N THR B 14 12.30 -14.32 3.69
CA THR B 14 13.41 -14.19 2.77
C THR B 14 13.82 -12.72 2.62
N GLY B 15 13.07 -11.85 3.29
CA GLY B 15 13.21 -10.42 3.17
C GLY B 15 11.85 -9.77 3.38
N PHE B 16 11.68 -8.58 2.82
CA PHE B 16 10.48 -7.76 3.06
C PHE B 16 9.89 -7.22 1.76
N ALA B 17 8.57 -7.11 1.73
CA ALA B 17 7.86 -6.59 0.57
C ALA B 17 7.12 -5.29 0.93
N PRO B 18 6.97 -4.38 -0.05
CA PRO B 18 6.27 -3.12 0.22
C PRO B 18 4.84 -3.34 0.72
N PHE B 19 4.42 -2.56 1.70
CA PHE B 19 3.10 -2.73 2.31
C PHE B 19 2.25 -1.45 2.30
N SER B 20 2.84 -0.31 2.68
CA SER B 20 2.10 0.95 2.76
C SER B 20 3.02 2.16 2.69
N LYS B 21 2.45 3.29 2.27
CA LYS B 21 3.14 4.58 2.23
C LYS B 21 2.06 5.64 2.31
N ASP B 22 2.25 6.69 3.11
CA ASP B 22 1.18 7.67 3.26
C ASP B 22 1.37 9.02 2.55
N ASN B 23 2.59 9.32 2.10
CA ASN B 23 2.85 10.54 1.29
C ASN B 23 2.44 11.85 1.99
N SER B 24 2.51 11.84 3.32
CA SER B 24 2.02 12.93 4.16
C SER B 24 2.54 14.33 3.78
N ILE B 25 3.84 14.43 3.53
CA ILE B 25 4.47 15.74 3.30
C ILE B 25 4.11 16.26 1.90
N ARG B 26 4.16 15.40 0.89
CA ARG B 26 3.73 15.80 -0.46
C ARG B 26 2.28 16.30 -0.42
N LEU B 27 1.42 15.60 0.29
CA LEU B 27 0.01 16.00 0.44
C LEU B 27 -0.15 17.32 1.20
N SER B 28 0.71 17.55 2.19
CA SER B 28 0.66 18.75 3.03
C SER B 28 0.85 20.05 2.23
N ALA B 29 1.43 19.93 1.03
CA ALA B 29 1.62 21.08 0.15
C ALA B 29 0.35 21.44 -0.64
N GLY B 30 -0.70 20.64 -0.52
CA GLY B 30 -1.97 20.92 -1.16
C GLY B 30 -3.11 20.24 -0.42
N GLY B 31 -3.24 20.56 0.85
CA GLY B 31 -4.19 19.91 1.73
C GLY B 31 -3.87 20.18 3.18
N ASP B 32 -4.86 20.04 4.05
CA ASP B 32 -4.67 20.26 5.47
C ASP B 32 -4.32 18.94 6.14
N ILE B 33 -3.04 18.81 6.50
CA ILE B 33 -2.49 17.57 7.03
C ILE B 33 -1.74 17.86 8.33
N TRP B 34 -1.93 17.00 9.33
CA TRP B 34 -1.29 17.15 10.63
C TRP B 34 0.23 17.17 10.54
N VAL B 35 0.85 18.06 11.32
CA VAL B 35 2.28 17.94 11.65
C VAL B 35 2.44 16.85 12.69
N THR B 36 3.36 15.92 12.43
CA THR B 36 3.58 14.77 13.30
C THR B 36 5.06 14.43 13.44
N ARG B 37 5.35 13.54 14.39
CA ARG B 37 6.60 12.78 14.43
C ARG B 37 6.34 11.57 15.32
N GLU B 38 7.33 10.69 15.45
CA GLU B 38 7.21 9.47 16.23
C GLU B 38 6.02 8.60 15.82
N PRO B 39 5.92 8.27 14.52
CA PRO B 39 4.86 7.39 14.05
C PRO B 39 5.08 5.94 14.42
N TYR B 40 4.04 5.14 14.30
CA TYR B 40 4.17 3.70 14.36
C TYR B 40 2.93 3.03 13.79
N VAL B 41 2.99 1.70 13.68
CA VAL B 41 1.88 0.92 13.17
C VAL B 41 1.52 -0.17 14.17
N SER B 42 0.22 -0.42 14.31
CA SER B 42 -0.25 -1.57 15.08
C SER B 42 -1.56 -2.02 14.49
N CYS B 43 -1.82 -3.32 14.56
CA CYS B 43 -3.00 -3.88 13.92
C CYS B 43 -3.87 -4.60 14.94
N ASP B 44 -5.18 -4.41 14.84
CA ASP B 44 -6.15 -5.29 15.53
C ASP B 44 -6.23 -6.57 14.70
N PRO B 45 -7.02 -7.58 15.15
CA PRO B 45 -7.03 -8.85 14.41
C PRO B 45 -7.40 -8.77 12.93
N GLY B 46 -8.16 -7.75 12.54
CA GLY B 46 -8.61 -7.59 11.15
C GLY B 46 -7.77 -6.64 10.30
N LYS B 47 -7.35 -5.52 10.88
CA LYS B 47 -6.62 -4.54 10.07
C LYS B 47 -5.68 -3.64 10.84
N CYS B 48 -4.83 -2.95 10.08
CA CYS B 48 -3.75 -2.15 10.62
C CYS B 48 -4.08 -0.68 10.68
N TYR B 49 -3.46 -0.02 11.67
CA TYR B 49 -3.62 1.41 11.89
C TYR B 49 -2.27 2.08 11.95
N GLN B 50 -2.20 3.32 11.47
CA GLN B 50 -1.04 4.14 11.68
C GLN B 50 -1.32 5.13 12.80
N PHE B 51 -0.30 5.32 13.63
CA PHE B 51 -0.32 6.21 14.76
C PHE B 51 0.80 7.22 14.59
N ALA B 52 0.65 8.39 15.20
CA ALA B 52 1.75 9.32 15.36
C ALA B 52 1.40 10.36 16.41
N LEU B 53 2.42 11.07 16.87
CA LEU B 53 2.22 12.18 17.79
C LEU B 53 2.06 13.46 17.01
N GLY B 54 0.84 14.02 17.04
CA GLY B 54 0.59 15.33 16.45
C GLY B 54 1.33 16.42 17.20
N GLN B 55 1.45 17.57 16.54
CA GLN B 55 2.01 18.77 17.16
C GLN B 55 0.92 19.82 17.36
N GLY B 56 -0.33 19.39 17.41
CA GLY B 56 -1.45 20.30 17.65
C GLY B 56 -1.68 21.30 16.52
N THR B 57 -1.27 20.94 15.31
CA THR B 57 -1.34 21.86 14.17
C THR B 57 -1.23 21.10 12.86
N THR B 58 -1.76 21.70 11.80
CA THR B 58 -1.49 21.25 10.45
C THR B 58 -0.20 21.89 9.96
N LEU B 59 0.31 21.43 8.83
CA LEU B 59 1.59 21.91 8.31
C LEU B 59 1.46 23.29 7.69
N ASP B 60 0.46 23.47 6.82
CA ASP B 60 0.21 24.78 6.21
C ASP B 60 -0.61 25.64 7.19
N ASN B 61 0.09 26.20 8.16
CA ASN B 61 -0.50 26.78 9.37
C ASN B 61 0.67 27.44 10.09
N LYS B 62 0.51 28.68 10.53
CA LYS B 62 1.60 29.37 11.22
C LYS B 62 2.04 28.67 12.51
N HIS B 63 1.16 27.85 13.09
CA HIS B 63 1.52 27.11 14.31
C HIS B 63 2.49 25.95 14.04
N SER B 64 2.78 25.67 12.77
CA SER B 64 3.76 24.64 12.43
C SER B 64 5.18 25.10 12.73
N ASN B 65 5.36 26.40 12.91
CA ASN B 65 6.66 27.00 13.16
C ASN B 65 7.28 26.42 14.43
N ASP B 66 8.53 25.98 14.30
CA ASP B 66 9.33 25.49 15.42
C ASP B 66 8.73 24.26 16.09
N THR B 67 8.13 23.37 15.29
CA THR B 67 7.64 22.09 15.76
C THR B 67 8.75 21.03 15.88
N VAL B 68 10.02 21.44 15.82
CA VAL B 68 11.13 20.53 16.10
C VAL B 68 11.09 20.03 17.55
N HIS B 69 10.51 20.83 18.44
CA HIS B 69 10.49 20.50 19.87
C HIS B 69 9.68 19.23 20.17
N ASP B 70 10.19 18.41 21.08
CA ASP B 70 9.62 17.10 21.34
C ASP B 70 8.37 17.13 22.23
N ARG B 71 8.29 18.08 23.15
CA ARG B 71 7.25 18.04 24.17
C ARG B 71 6.57 19.38 24.35
N ILE B 72 5.31 19.45 23.93
CA ILE B 72 4.42 20.57 24.22
C ILE B 72 3.08 19.97 24.65
N PRO B 73 2.25 20.74 25.39
CA PRO B 73 0.97 20.21 25.90
C PRO B 73 -0.05 19.84 24.82
N HIS B 74 0.18 20.28 23.60
CA HIS B 74 -0.79 20.16 22.52
C HIS B 74 -0.58 18.90 21.70
N ARG B 75 0.49 18.17 21.97
CA ARG B 75 0.73 16.91 21.29
C ARG B 75 -0.31 15.89 21.73
N THR B 76 -0.90 15.24 20.73
CA THR B 76 -1.90 14.21 20.94
C THR B 76 -1.59 13.03 20.04
N LEU B 77 -1.99 11.84 20.47
CA LEU B 77 -1.81 10.65 19.67
C LEU B 77 -2.89 10.58 18.59
N LEU B 78 -2.47 10.46 17.35
CA LEU B 78 -3.37 10.34 16.21
C LEU B 78 -3.47 8.88 15.82
N MET B 79 -4.65 8.46 15.36
CA MET B 79 -4.89 7.08 14.97
C MET B 79 -5.83 7.02 13.76
N ASN B 80 -5.32 6.52 12.64
CA ASN B 80 -6.09 6.25 11.43
C ASN B 80 -5.84 4.84 10.94
N GLU B 81 -6.71 4.35 10.06
CA GLU B 81 -6.39 3.14 9.33
C GLU B 81 -5.10 3.36 8.55
N LEU B 82 -4.28 2.33 8.46
CA LEU B 82 -3.01 2.42 7.75
C LEU B 82 -3.23 2.87 6.30
N GLY B 83 -2.51 3.91 5.91
CA GLY B 83 -2.63 4.46 4.57
C GLY B 83 -3.61 5.61 4.42
N VAL B 84 -4.39 5.89 5.47
CA VAL B 84 -5.21 7.10 5.52
C VAL B 84 -4.32 8.18 6.12
N PRO B 85 -3.96 9.20 5.33
CA PRO B 85 -3.08 10.24 5.87
C PRO B 85 -3.77 11.02 6.98
N PHE B 86 -2.98 11.73 7.78
CA PHE B 86 -3.54 12.42 8.94
C PHE B 86 -4.21 13.74 8.52
N HIS B 87 -5.43 13.59 8.03
CA HIS B 87 -6.28 14.70 7.60
C HIS B 87 -7.06 15.23 8.82
N LEU B 88 -7.90 16.24 8.62
CA LEU B 88 -8.57 16.91 9.77
C LEU B 88 -9.68 16.10 10.45
N GLY B 89 -10.09 14.99 9.84
CA GLY B 89 -11.04 14.07 10.46
C GLY B 89 -10.36 13.00 11.30
N THR B 90 -9.04 13.09 11.42
CA THR B 90 -8.27 12.15 12.27
C THR B 90 -8.63 12.30 13.74
N ARG B 91 -8.84 11.17 14.41
CA ARG B 91 -9.12 11.16 15.83
C ARG B 91 -7.85 11.28 16.67
N GLN B 92 -7.87 12.23 17.60
CA GLN B 92 -6.85 12.38 18.62
C GLN B 92 -7.25 11.51 19.81
N VAL B 93 -6.54 10.41 19.98
CA VAL B 93 -6.93 9.33 20.89
C VAL B 93 -6.67 9.68 22.37
N CYS B 94 -5.66 10.51 22.61
CA CYS B 94 -5.29 10.94 23.95
C CYS B 94 -4.27 12.06 23.85
N ILE B 95 -3.95 12.65 24.98
CA ILE B 95 -2.93 13.68 25.06
C ILE B 95 -1.60 12.97 25.30
N ALA B 96 -0.60 13.24 24.46
CA ALA B 96 0.65 12.49 24.52
C ALA B 96 1.80 13.14 23.77
N TRP B 97 2.94 13.30 24.46
CA TRP B 97 4.21 13.55 23.78
C TRP B 97 5.14 12.32 23.79
N SER B 98 4.65 11.21 24.33
CA SER B 98 5.27 9.89 24.18
C SER B 98 4.13 8.88 24.32
N SER B 99 4.16 7.80 23.54
CA SER B 99 3.07 6.82 23.57
C SER B 99 3.43 5.41 23.14
N SER B 100 2.50 4.50 23.41
CA SER B 100 2.55 3.14 22.91
C SER B 100 1.09 2.69 22.83
N SER B 101 0.75 1.87 21.83
CA SER B 101 -0.60 1.31 21.72
C SER B 101 -0.54 -0.15 21.30
N CYS B 102 -1.57 -0.91 21.70
CA CYS B 102 -1.69 -2.31 21.29
C CYS B 102 -3.08 -2.83 21.55
N HIS B 103 -3.47 -3.84 20.77
CA HIS B 103 -4.77 -4.46 20.82
C HIS B 103 -4.58 -5.86 21.41
N ASP B 104 -5.37 -6.20 22.42
CA ASP B 104 -5.21 -7.49 23.12
C ASP B 104 -6.08 -8.62 22.55
N GLY B 105 -6.73 -8.36 21.41
CA GLY B 105 -7.69 -9.28 20.83
C GLY B 105 -9.13 -8.84 21.05
N LYS B 106 -9.35 -8.08 22.12
CA LYS B 106 -10.69 -7.59 22.46
C LYS B 106 -10.79 -6.07 22.31
N ALA B 107 -9.76 -5.34 22.72
CA ALA B 107 -9.81 -3.88 22.68
C ALA B 107 -8.43 -3.24 22.64
N TRP B 108 -8.41 -1.95 22.31
CA TRP B 108 -7.17 -1.17 22.26
C TRP B 108 -6.77 -0.66 23.64
N LEU B 109 -5.48 -0.83 23.95
CA LEU B 109 -4.81 -0.13 25.03
C LEU B 109 -3.97 1.00 24.44
N HIS B 110 -4.07 2.18 25.03
CA HIS B 110 -3.18 3.30 24.71
C HIS B 110 -2.47 3.77 25.97
N VAL B 111 -1.15 3.94 25.86
CA VAL B 111 -0.33 4.47 26.94
C VAL B 111 0.12 5.85 26.48
N CYS B 112 -0.33 6.88 27.19
CA CYS B 112 -0.19 8.26 26.76
C CYS B 112 0.46 9.11 27.84
N ILE B 113 1.60 9.71 27.51
CA ILE B 113 2.37 10.46 28.50
C ILE B 113 2.40 11.95 28.13
N THR B 114 2.06 12.81 29.08
CA THR B 114 2.07 14.24 28.87
C THR B 114 2.37 14.99 30.17
N GLY B 115 2.48 16.31 30.07
CA GLY B 115 2.73 17.16 31.22
C GLY B 115 4.17 17.61 31.36
N ASP B 116 4.50 18.12 32.55
CA ASP B 116 5.83 18.68 32.84
C ASP B 116 6.95 17.65 32.74
N ASP B 117 8.10 18.09 32.21
CA ASP B 117 9.28 17.21 32.09
C ASP B 117 9.63 16.53 33.40
N LYS B 118 9.61 17.28 34.49
CA LYS B 118 10.02 16.75 35.79
C LYS B 118 8.90 16.08 36.57
N ASN B 119 7.70 16.01 36.01
CA ASN B 119 6.56 15.46 36.74
C ASN B 119 5.44 15.07 35.77
N ALA B 120 5.77 14.18 34.83
CA ALA B 120 4.83 13.78 33.79
C ALA B 120 3.80 12.78 34.31
N THR B 121 2.74 12.59 33.52
CA THR B 121 1.69 11.63 33.84
C THR B 121 1.52 10.68 32.65
N ALA B 122 1.49 9.39 32.94
CA ALA B 122 1.12 8.37 31.96
C ALA B 122 -0.32 7.95 32.21
N SER B 123 -1.17 8.10 31.21
CA SER B 123 -2.58 7.65 31.28
C SER B 123 -2.68 6.33 30.54
N PHE B 124 -3.46 5.39 31.10
CA PHE B 124 -3.73 4.10 30.48
C PHE B 124 -5.19 4.01 30.11
N ILE B 125 -5.45 4.03 28.80
CA ILE B 125 -6.79 4.08 28.27
C ILE B 125 -7.05 2.74 27.59
N TYR B 126 -8.13 2.08 28.00
CA TYR B 126 -8.45 0.75 27.48
C TYR B 126 -9.93 0.70 27.13
N ASP B 127 -10.23 0.23 25.92
CA ASP B 127 -11.60 0.11 25.44
C ASP B 127 -12.38 1.42 25.61
N GLY B 128 -11.72 2.52 25.28
CA GLY B 128 -12.34 3.85 25.27
C GLY B 128 -12.50 4.55 26.60
N ARG B 129 -11.90 4.02 27.66
CA ARG B 129 -11.98 4.70 28.97
C ARG B 129 -10.65 4.69 29.71
N LEU B 130 -10.46 5.72 30.52
CA LEU B 130 -9.25 5.83 31.33
C LEU B 130 -9.38 4.87 32.50
N VAL B 131 -8.46 3.93 32.60
CA VAL B 131 -8.50 2.89 33.62
C VAL B 131 -7.46 3.07 34.72
N ASP B 132 -6.32 3.69 34.38
CA ASP B 132 -5.23 3.85 35.34
C ASP B 132 -4.33 5.02 34.92
N SER B 133 -3.46 5.42 35.84
CA SER B 133 -2.41 6.39 35.56
C SER B 133 -1.25 6.20 36.53
N ILE B 134 -0.07 6.59 36.10
CA ILE B 134 1.09 6.59 36.98
C ILE B 134 1.88 7.88 36.76
N GLY B 135 2.42 8.42 37.84
CA GLY B 135 3.29 9.58 37.78
C GLY B 135 4.74 9.21 37.61
N SER B 136 5.54 10.20 37.25
CA SER B 136 6.99 10.07 37.07
C SER B 136 7.65 9.51 38.33
N TRP B 137 8.55 8.55 38.16
CA TRP B 137 9.28 7.98 39.29
C TRP B 137 10.71 8.52 39.48
N SER B 138 11.26 9.17 38.45
CA SER B 138 12.61 9.78 38.53
C SER B 138 12.63 11.27 38.18
N GLN B 139 11.47 11.86 37.97
CA GLN B 139 11.34 13.30 37.76
C GLN B 139 12.20 13.79 36.59
N ASN B 140 12.31 12.97 35.54
CA ASN B 140 13.11 13.34 34.39
C ASN B 140 12.61 12.70 33.09
N ILE B 141 11.48 13.22 32.61
CA ILE B 141 10.87 12.84 31.34
C ILE B 141 10.51 11.36 31.28
N LEU B 142 9.48 11.00 32.05
CA LEU B 142 8.86 9.70 31.92
C LEU B 142 8.48 9.49 30.45
N ARG B 143 8.86 8.34 29.89
CA ARG B 143 8.76 8.12 28.45
C ARG B 143 8.65 6.64 28.08
N THR B 144 8.13 6.36 26.89
CA THR B 144 7.87 4.98 26.49
C THR B 144 8.26 4.67 25.03
N GLN B 145 7.68 3.62 24.45
CA GLN B 145 8.25 2.95 23.29
C GLN B 145 8.22 3.74 21.96
N GLU B 146 7.17 4.53 21.76
CA GLU B 146 6.86 5.11 20.44
C GLU B 146 6.64 4.02 19.37
N SER B 147 6.18 2.84 19.80
CA SER B 147 5.74 1.78 18.90
C SER B 147 4.85 0.83 19.69
N GLU B 148 4.38 -0.23 19.05
CA GLU B 148 3.32 -1.03 19.66
C GLU B 148 3.80 -1.79 20.88
N CYS B 149 2.94 -1.82 21.90
CA CYS B 149 3.11 -2.75 23.01
C CYS B 149 2.63 -4.13 22.55
N VAL B 150 2.70 -5.12 23.44
CA VAL B 150 2.40 -6.50 23.07
C VAL B 150 1.58 -7.14 24.19
N CYS B 151 0.53 -7.86 23.80
CA CYS B 151 -0.37 -8.51 24.76
C CYS B 151 -0.42 -10.00 24.49
N ILE B 152 -0.35 -10.79 25.57
CA ILE B 152 -0.55 -12.24 25.50
C ILE B 152 -1.56 -12.63 26.57
N ASN B 153 -2.61 -13.32 26.16
CA ASN B 153 -3.66 -13.80 27.04
C ASN B 153 -4.25 -12.71 27.96
N GLY B 154 -4.41 -11.52 27.41
CA GLY B 154 -5.05 -10.42 28.13
C GLY B 154 -4.14 -9.61 29.03
N THR B 155 -2.84 -9.91 29.02
CA THR B 155 -1.85 -9.10 29.73
C THR B 155 -0.97 -8.42 28.71
N CYS B 156 -0.97 -7.09 28.74
CA CYS B 156 -0.16 -6.29 27.83
C CYS B 156 1.06 -5.79 28.59
N THR B 157 2.20 -5.76 27.92
CA THR B 157 3.42 -5.28 28.54
C THR B 157 3.96 -4.11 27.75
N VAL B 158 4.53 -3.16 28.48
CA VAL B 158 5.13 -1.97 27.87
C VAL B 158 6.35 -1.54 28.69
N VAL B 159 7.37 -1.07 27.98
CA VAL B 159 8.63 -0.65 28.60
C VAL B 159 8.64 0.85 28.71
N MET B 160 8.98 1.36 29.89
CA MET B 160 9.06 2.80 30.13
C MET B 160 10.35 3.16 30.85
N THR B 161 10.83 4.37 30.58
CA THR B 161 12.05 4.86 31.20
C THR B 161 11.78 6.23 31.81
N ASP B 162 12.50 6.54 32.89
CA ASP B 162 12.46 7.86 33.52
C ASP B 162 13.88 8.09 34.03
N GLY B 163 14.43 9.26 33.77
CA GLY B 163 15.81 9.56 34.17
C GLY B 163 16.64 10.06 33.00
N SER B 164 17.96 10.06 33.20
CA SER B 164 18.89 10.66 32.26
C SER B 164 18.85 10.02 30.88
N ALA B 165 18.96 10.87 29.86
CA ALA B 165 19.12 10.40 28.46
C ALA B 165 20.59 10.16 28.11
N SER B 166 21.49 10.47 29.03
CA SER B 166 22.93 10.39 28.75
C SER B 166 23.68 9.78 29.93
N GLY B 167 23.02 8.91 30.67
CA GLY B 167 23.59 8.30 31.86
C GLY B 167 22.61 7.29 32.40
N ARG B 168 22.97 6.62 33.49
CA ARG B 168 22.09 5.60 34.07
C ARG B 168 20.69 6.18 34.36
N ALA B 169 19.66 5.45 33.95
CA ALA B 169 18.27 5.85 34.13
C ALA B 169 17.48 4.72 34.80
N ASP B 170 16.19 4.95 35.01
CA ASP B 170 15.34 4.01 35.73
C ASP B 170 14.27 3.46 34.80
N THR B 171 14.53 2.26 34.27
CA THR B 171 13.66 1.62 33.31
C THR B 171 12.82 0.55 34.00
N ARG B 172 11.52 0.55 33.68
CA ARG B 172 10.58 -0.39 34.28
C ARG B 172 9.66 -1.00 33.23
N ILE B 173 9.24 -2.22 33.49
CA ILE B 173 8.39 -2.95 32.57
C ILE B 173 7.04 -3.16 33.24
N LEU B 174 6.00 -2.62 32.62
CA LEU B 174 4.65 -2.67 33.19
C LEU B 174 3.84 -3.81 32.58
N PHE B 175 3.00 -4.41 33.41
CA PHE B 175 2.07 -5.44 32.96
C PHE B 175 0.67 -4.94 33.25
N ILE B 176 -0.17 -4.95 32.21
CA ILE B 176 -1.43 -4.21 32.22
C ILE B 176 -2.53 -5.13 31.74
N GLU B 177 -3.59 -5.28 32.54
CA GLU B 177 -4.73 -6.11 32.22
C GLU B 177 -5.97 -5.24 32.11
N GLU B 178 -6.55 -5.18 30.92
CA GLU B 178 -7.70 -4.31 30.64
C GLU B 178 -7.49 -2.87 31.14
N GLY B 179 -6.30 -2.34 30.88
CA GLY B 179 -5.98 -0.95 31.25
C GLY B 179 -5.45 -0.73 32.66
N LYS B 180 -5.50 -1.76 33.50
CA LYS B 180 -5.12 -1.69 34.89
C LYS B 180 -3.71 -2.25 35.09
N ILE B 181 -2.81 -1.46 35.67
CA ILE B 181 -1.45 -1.93 35.96
C ILE B 181 -1.53 -2.98 37.07
N VAL B 182 -1.09 -4.21 36.78
CA VAL B 182 -1.12 -5.28 37.78
C VAL B 182 0.26 -5.65 38.35
N HIS B 183 1.31 -5.24 37.65
CA HIS B 183 2.67 -5.50 38.12
C HIS B 183 3.65 -4.59 37.41
N ILE B 184 4.71 -4.20 38.11
CA ILE B 184 5.80 -3.42 37.54
C ILE B 184 7.11 -4.10 37.92
N SER B 185 7.90 -4.46 36.91
CA SER B 185 9.19 -5.10 37.14
C SER B 185 10.31 -4.14 36.74
N PRO B 186 11.32 -3.98 37.62
CA PRO B 186 12.48 -3.18 37.22
C PRO B 186 13.30 -3.88 36.13
N LEU B 187 13.98 -3.10 35.29
CA LEU B 187 14.92 -3.67 34.35
C LEU B 187 15.98 -4.49 35.11
N SER B 188 16.33 -5.64 34.55
CA SER B 188 17.42 -6.46 35.09
C SER B 188 18.24 -6.99 33.92
N GLY B 189 19.43 -7.51 34.21
CA GLY B 189 20.35 -8.01 33.18
C GLY B 189 21.45 -7.02 32.87
N SER B 190 22.05 -7.14 31.69
CA SER B 190 23.28 -6.41 31.39
C SER B 190 23.09 -5.18 30.51
N ALA B 191 21.86 -4.90 30.07
CA ALA B 191 21.61 -3.69 29.29
C ALA B 191 21.77 -2.49 30.23
N GLN B 192 22.56 -1.50 29.82
CA GLN B 192 22.88 -0.38 30.70
C GLN B 192 22.07 0.89 30.44
N HIS B 193 21.37 0.94 29.31
CA HIS B 193 20.49 2.06 29.01
C HIS B 193 19.44 1.65 27.99
N ILE B 194 18.19 2.01 28.27
CA ILE B 194 17.05 1.55 27.49
C ILE B 194 16.12 2.70 27.13
N GLU B 195 15.93 2.88 25.82
CA GLU B 195 15.02 3.87 25.29
C GLU B 195 14.22 3.24 24.15
N GLU B 196 12.96 3.65 24.01
CA GLU B 196 12.23 3.48 22.75
C GLU B 196 12.25 2.05 22.23
N CYS B 197 11.84 1.11 23.08
CA CYS B 197 11.87 -0.30 22.73
C CYS B 197 10.92 -0.65 21.59
N SER B 198 11.41 -1.49 20.67
CA SER B 198 10.59 -2.10 19.63
C SER B 198 10.39 -3.56 20.03
N CYS B 199 9.19 -3.87 20.49
CA CYS B 199 8.90 -5.16 21.09
C CYS B 199 8.02 -5.99 20.19
N TYR B 200 8.15 -7.31 20.35
CA TYR B 200 7.34 -8.25 19.59
C TYR B 200 7.06 -9.51 20.39
N PRO B 201 5.91 -10.14 20.12
CA PRO B 201 5.60 -11.39 20.79
C PRO B 201 6.54 -12.49 20.29
N ARG B 202 7.11 -13.23 21.24
CA ARG B 202 7.89 -14.41 20.94
C ARG B 202 7.42 -15.46 21.94
N TYR B 203 6.26 -16.03 21.65
CA TYR B 203 5.53 -16.87 22.59
C TYR B 203 6.44 -17.90 23.23
N PRO B 204 6.34 -18.09 24.56
CA PRO B 204 5.40 -17.51 25.52
C PRO B 204 5.76 -16.12 26.08
N GLY B 205 6.80 -15.48 25.57
CA GLY B 205 7.26 -14.20 26.09
C GLY B 205 7.21 -13.05 25.10
N VAL B 206 7.82 -11.94 25.50
CA VAL B 206 7.94 -10.77 24.64
C VAL B 206 9.41 -10.39 24.60
N ARG B 207 9.88 -10.00 23.41
CA ARG B 207 11.27 -9.60 23.19
C ARG B 207 11.29 -8.20 22.59
N CYS B 208 12.20 -7.37 23.10
CA CYS B 208 12.34 -5.99 22.66
C CYS B 208 13.76 -5.72 22.24
N ILE B 209 13.93 -4.99 21.14
CA ILE B 209 15.22 -4.44 20.72
C ILE B 209 15.07 -2.94 20.85
N CYS B 210 15.98 -2.30 21.57
CA CYS B 210 15.78 -0.90 21.99
C CYS B 210 16.94 -0.01 21.55
N ARG B 211 17.04 1.16 22.19
CA ARG B 211 18.04 2.17 21.89
C ARG B 211 18.82 2.47 23.18
N ASP B 212 20.14 2.29 23.13
CA ASP B 212 21.04 2.72 24.20
C ASP B 212 21.54 4.11 23.82
N ASN B 213 21.18 5.11 24.63
CA ASN B 213 21.49 6.51 24.33
C ASN B 213 22.73 7.01 25.06
N TRP B 214 23.40 6.11 25.78
CA TRP B 214 24.47 6.47 26.70
C TRP B 214 25.82 5.97 26.21
N LYS B 215 26.03 4.66 26.22
CA LYS B 215 27.35 4.08 25.89
C LYS B 215 27.37 3.10 24.71
N GLY B 216 26.22 2.79 24.12
CA GLY B 216 26.16 1.75 23.09
C GLY B 216 25.65 2.21 21.74
N SER B 217 26.35 1.84 20.68
CA SER B 217 25.82 1.91 19.32
C SER B 217 25.31 0.52 18.90
N ASN B 218 25.61 -0.49 19.71
CA ASN B 218 24.89 -1.76 19.63
C ASN B 218 23.55 -1.63 20.35
N ARG B 219 22.52 -2.33 19.85
CA ARG B 219 21.18 -2.19 20.40
C ARG B 219 20.94 -3.15 21.56
N PRO B 220 20.40 -2.63 22.67
CA PRO B 220 20.07 -3.50 23.79
C PRO B 220 18.89 -4.41 23.48
N VAL B 221 18.82 -5.53 24.19
CA VAL B 221 17.70 -6.47 24.10
C VAL B 221 17.08 -6.54 25.48
N VAL B 222 15.74 -6.53 25.54
CA VAL B 222 15.03 -6.78 26.79
C VAL B 222 14.09 -7.96 26.56
N ASP B 223 14.21 -8.97 27.41
CA ASP B 223 13.34 -10.14 27.36
C ASP B 223 12.40 -10.14 28.56
N ILE B 224 11.11 -10.27 28.25
CA ILE B 224 10.07 -10.14 29.25
C ILE B 224 9.36 -11.47 29.41
N ASN B 225 9.45 -12.05 30.60
CA ASN B 225 8.71 -13.27 30.93
C ASN B 225 7.30 -12.90 31.37
N MET B 226 6.31 -13.30 30.59
CA MET B 226 4.92 -12.94 30.86
C MET B 226 4.29 -13.82 31.94
N GLU B 227 4.94 -14.94 32.27
CA GLU B 227 4.43 -15.86 33.31
C GLU B 227 4.76 -15.41 34.73
N ASP B 228 6.00 -15.03 34.98
CA ASP B 228 6.43 -14.63 36.32
C ASP B 228 6.94 -13.19 36.41
N TYR B 229 6.82 -12.44 35.33
CA TYR B 229 7.19 -11.01 35.28
C TYR B 229 8.70 -10.75 35.37
N SER B 230 9.51 -11.79 35.25
CA SER B 230 10.96 -11.64 35.33
C SER B 230 11.51 -11.03 34.06
N ILE B 231 12.62 -10.32 34.20
CA ILE B 231 13.22 -9.54 33.12
C ILE B 231 14.67 -9.96 32.94
N ASP B 232 15.11 -10.05 31.69
CA ASP B 232 16.51 -10.21 31.36
C ASP B 232 16.85 -9.19 30.28
N SER B 233 18.13 -8.91 30.10
CA SER B 233 18.56 -7.96 29.09
C SER B 233 20.01 -8.21 28.71
N SER B 234 20.35 -7.76 27.52
CA SER B 234 21.66 -7.98 26.93
C SER B 234 21.78 -7.03 25.72
N TYR B 235 22.69 -7.31 24.80
CA TYR B 235 22.81 -6.53 23.56
C TYR B 235 22.80 -7.48 22.36
N VAL B 236 22.31 -6.97 21.24
CA VAL B 236 22.32 -7.72 19.99
C VAL B 236 23.76 -8.13 19.67
N CYS B 237 23.97 -9.42 19.38
CA CYS B 237 25.31 -9.97 19.14
C CYS B 237 25.99 -9.38 17.90
N SER B 238 25.20 -9.10 16.86
CA SER B 238 25.73 -8.68 15.56
C SER B 238 26.80 -7.60 15.65
N GLY B 239 27.93 -7.84 14.99
CA GLY B 239 28.97 -6.85 14.85
C GLY B 239 28.61 -5.75 13.86
N LEU B 240 27.57 -6.00 13.04
CA LEU B 240 26.93 -4.97 12.25
C LEU B 240 25.84 -4.37 13.14
N VAL B 241 26.13 -3.21 13.72
CA VAL B 241 25.29 -2.66 14.78
C VAL B 241 24.18 -1.79 14.20
N GLY B 242 23.11 -1.60 14.98
CA GLY B 242 21.88 -1.02 14.48
C GLY B 242 21.60 0.43 14.81
N ASP B 243 22.38 1.03 15.70
CA ASP B 243 22.12 2.40 16.16
C ASP B 243 22.75 3.41 15.20
N THR B 244 22.34 4.67 15.36
CA THR B 244 22.97 5.81 14.71
C THR B 244 23.09 6.92 15.75
N PRO B 245 24.31 7.41 16.03
CA PRO B 245 25.57 7.11 15.37
C PRO B 245 26.16 5.74 15.71
N ARG B 246 27.17 5.35 14.92
CA ARG B 246 27.88 4.11 15.11
C ARG B 246 29.19 4.18 14.31
N ASN B 247 30.12 3.28 14.61
CA ASN B 247 31.34 3.16 13.82
C ASN B 247 31.03 2.54 12.45
N ASP B 248 31.97 2.74 11.52
CA ASP B 248 32.06 1.99 10.27
C ASP B 248 31.98 0.50 10.56
N ASP B 249 31.41 -0.26 9.62
CA ASP B 249 31.31 -1.72 9.72
C ASP B 249 32.64 -2.42 9.98
N SER B 250 33.74 -1.84 9.49
CA SER B 250 35.06 -2.44 9.69
C SER B 250 35.61 -2.27 11.12
N SER B 251 35.05 -1.33 11.89
CA SER B 251 35.53 -1.08 13.26
C SER B 251 34.42 -1.08 14.31
N SER B 252 33.24 -1.60 13.96
CA SER B 252 32.13 -1.73 14.89
C SER B 252 32.22 -3.08 15.60
N ASN B 253 31.74 -3.14 16.84
CA ASN B 253 31.80 -4.38 17.63
C ASN B 253 30.59 -4.53 18.54
N SER B 254 30.24 -5.78 18.82
CA SER B 254 29.34 -6.12 19.91
C SER B 254 29.75 -7.46 20.50
N ASN B 255 29.70 -7.56 21.83
CA ASN B 255 30.00 -8.81 22.51
C ASN B 255 28.76 -9.50 23.10
N CYS B 256 27.57 -9.00 22.74
CA CYS B 256 26.27 -9.51 23.22
C CYS B 256 25.90 -9.12 24.65
N ARG B 257 26.83 -8.58 25.42
CA ARG B 257 26.63 -8.39 26.87
C ARG B 257 26.69 -6.92 27.32
N ASN B 258 27.62 -6.16 26.76
CA ASN B 258 27.89 -4.80 27.22
C ASN B 258 27.70 -3.80 26.09
N PRO B 259 27.41 -2.53 26.45
CA PRO B 259 27.48 -1.46 25.46
C PRO B 259 28.89 -1.36 24.90
N ASN B 260 28.99 -1.11 23.60
CA ASN B 260 30.28 -1.23 22.93
C ASN B 260 31.21 0.00 23.13
N ASN B 261 30.70 1.08 23.70
CA ASN B 261 31.45 2.33 23.85
C ASN B 261 32.03 2.86 22.54
N GLU B 262 31.26 2.69 21.46
CA GLU B 262 31.62 3.15 20.13
C GLU B 262 30.57 4.14 19.65
N ARG B 263 30.92 5.44 19.66
CA ARG B 263 29.97 6.52 19.37
C ARG B 263 28.64 6.23 20.07
N GLY B 264 28.73 5.83 21.32
CA GLY B 264 27.58 5.29 22.03
C GLY B 264 26.51 6.30 22.37
N THR B 265 26.91 7.53 22.68
CA THR B 265 25.95 8.54 23.10
C THR B 265 25.02 8.92 21.94
N GLN B 266 23.79 9.28 22.32
CA GLN B 266 22.71 9.53 21.37
C GLN B 266 22.30 8.24 20.68
N GLY B 267 21.45 8.33 19.67
CA GLY B 267 20.90 7.14 19.04
C GLY B 267 19.66 7.46 18.23
N VAL B 268 18.99 6.41 17.79
CA VAL B 268 17.74 6.53 17.06
C VAL B 268 16.93 5.28 17.36
N LYS B 269 15.61 5.42 17.43
CA LYS B 269 14.75 4.26 17.61
C LYS B 269 14.88 3.32 16.42
N GLY B 270 15.02 2.04 16.71
CA GLY B 270 15.11 1.01 15.65
C GLY B 270 14.62 -0.34 16.11
N TRP B 271 14.93 -1.37 15.32
CA TRP B 271 14.39 -2.71 15.56
C TRP B 271 15.31 -3.78 15.01
N ALA B 272 15.09 -5.01 15.48
CA ALA B 272 15.68 -6.19 14.88
C ALA B 272 14.87 -7.35 15.43
N PHE B 273 14.99 -8.52 14.83
CA PHE B 273 14.40 -9.72 15.42
C PHE B 273 15.22 -10.95 15.09
N ASP B 274 15.11 -11.95 15.95
CA ASP B 274 15.88 -13.18 15.84
C ASP B 274 15.15 -14.20 14.99
N ASN B 275 15.91 -15.00 14.26
CA ASN B 275 15.39 -16.24 13.70
C ASN B 275 16.45 -17.31 13.90
N GLY B 276 16.27 -18.12 14.94
CA GLY B 276 17.29 -19.08 15.34
C GLY B 276 18.55 -18.35 15.70
N ASN B 277 19.65 -18.72 15.05
CA ASN B 277 20.93 -18.07 15.30
C ASN B 277 21.11 -16.77 14.53
N ASP B 278 20.23 -16.50 13.58
CA ASP B 278 20.37 -15.36 12.69
C ASP B 278 19.55 -14.15 13.15
N LEU B 279 19.85 -13.00 12.57
CA LEU B 279 19.21 -11.74 12.94
C LEU B 279 18.72 -11.02 11.69
N TRP B 280 17.46 -10.60 11.70
CA TRP B 280 16.96 -9.62 10.73
C TRP B 280 16.98 -8.25 11.40
N MET B 281 17.49 -7.25 10.71
CA MET B 281 17.59 -5.91 11.28
C MET B 281 17.49 -4.84 10.20
N GLY B 282 17.07 -3.66 10.64
CA GLY B 282 17.14 -2.47 9.82
C GLY B 282 18.05 -1.45 10.49
N ARG B 283 18.49 -0.46 9.72
CA ARG B 283 19.26 0.66 10.23
C ARG B 283 19.35 1.76 9.18
N THR B 284 19.74 2.96 9.58
CA THR B 284 19.99 4.02 8.61
C THR B 284 21.21 3.63 7.78
N ILE B 285 21.27 4.08 6.54
CA ILE B 285 22.44 3.79 5.71
C ILE B 285 23.63 4.60 6.21
N SER B 286 23.41 5.88 6.51
CA SER B 286 24.44 6.71 7.10
C SER B 286 24.78 6.24 8.52
N LYS B 287 26.08 6.28 8.84
CA LYS B 287 26.59 5.93 10.15
C LYS B 287 26.39 7.03 11.19
N GLU B 288 26.24 8.27 10.72
CA GLU B 288 26.19 9.43 11.62
C GLU B 288 24.90 10.23 11.56
N SER B 289 24.14 10.11 10.47
CA SER B 289 22.93 10.90 10.25
C SER B 289 21.73 9.99 10.03
N ARG B 290 20.53 10.51 10.29
CA ARG B 290 19.28 9.80 10.01
C ARG B 290 18.90 9.92 8.54
N SER B 291 19.73 9.28 7.71
N SER B 291 19.74 9.35 7.68
CA SER B 291 19.62 9.33 6.25
CA SER B 291 19.50 9.35 6.25
C SER B 291 19.68 7.90 5.72
C SER B 291 19.66 7.93 5.72
N GLY B 292 18.80 7.58 4.77
CA GLY B 292 18.75 6.26 4.19
C GLY B 292 18.18 5.24 5.15
N TYR B 293 17.83 4.07 4.61
CA TYR B 293 17.39 2.96 5.43
C TYR B 293 17.60 1.65 4.68
N GLU B 294 18.21 0.68 5.36
CA GLU B 294 18.51 -0.62 4.79
C GLU B 294 18.11 -1.71 5.75
N THR B 295 17.75 -2.87 5.21
CA THR B 295 17.51 -4.07 6.00
C THR B 295 18.41 -5.18 5.48
N PHE B 296 18.72 -6.13 6.35
CA PHE B 296 19.46 -7.31 5.96
C PHE B 296 19.40 -8.37 7.04
N LYS B 297 19.79 -9.59 6.67
CA LYS B 297 19.94 -10.67 7.61
C LYS B 297 21.42 -10.80 7.94
N VAL B 298 21.73 -10.94 9.22
CA VAL B 298 23.09 -11.23 9.66
C VAL B 298 23.17 -12.69 10.06
N ILE B 299 24.00 -13.44 9.35
CA ILE B 299 24.22 -14.86 9.65
C ILE B 299 24.91 -14.96 11.01
N GLY B 300 24.27 -15.68 11.95
CA GLY B 300 24.77 -15.75 13.31
C GLY B 300 24.60 -14.45 14.10
N GLY B 301 23.80 -13.53 13.56
CA GLY B 301 23.59 -12.21 14.17
C GLY B 301 22.96 -12.24 15.55
N TRP B 302 22.21 -13.30 15.86
CA TRP B 302 21.61 -13.43 17.18
C TRP B 302 22.50 -14.18 18.19
N SER B 303 23.22 -15.19 17.72
CA SER B 303 23.94 -16.13 18.60
C SER B 303 25.45 -15.95 18.65
N THR B 304 26.05 -15.41 17.59
CA THR B 304 27.51 -15.33 17.50
C THR B 304 27.98 -13.90 17.74
N PRO B 305 28.76 -13.68 18.82
CA PRO B 305 29.27 -12.35 19.09
C PRO B 305 30.05 -11.80 17.91
N ASN B 306 29.75 -10.56 17.55
CA ASN B 306 30.51 -9.80 16.57
C ASN B 306 30.41 -10.32 15.13
N SER B 307 29.37 -11.10 14.85
CA SER B 307 29.13 -11.62 13.51
C SER B 307 28.89 -10.48 12.52
N LYS B 308 29.51 -10.56 11.35
CA LYS B 308 29.39 -9.51 10.34
C LYS B 308 29.08 -10.00 8.92
N SER B 309 28.71 -11.27 8.79
CA SER B 309 28.32 -11.82 7.51
C SER B 309 26.85 -11.51 7.24
N GLN B 310 26.58 -10.57 6.34
CA GLN B 310 25.20 -10.25 5.99
C GLN B 310 24.80 -10.85 4.66
N VAL B 311 23.50 -10.96 4.47
CA VAL B 311 22.91 -11.45 3.24
C VAL B 311 21.50 -10.87 3.12
N ASN B 312 20.95 -10.88 1.91
CA ASN B 312 19.58 -10.45 1.67
C ASN B 312 19.34 -8.98 2.02
N ARG B 313 20.32 -8.14 1.69
CA ARG B 313 20.16 -6.71 1.89
C ARG B 313 19.07 -6.16 0.99
N GLN B 314 18.31 -5.22 1.53
CA GLN B 314 17.41 -4.37 0.74
C GLN B 314 17.55 -2.92 1.13
N VAL B 315 17.61 -2.05 0.12
CA VAL B 315 17.47 -0.63 0.34
C VAL B 315 15.98 -0.32 0.46
N ILE B 316 15.60 0.35 1.54
CA ILE B 316 14.22 0.81 1.71
C ILE B 316 14.13 2.28 1.31
N VAL B 317 15.10 3.07 1.77
CA VAL B 317 15.22 4.48 1.41
C VAL B 317 16.68 4.71 1.06
N ASP B 318 16.96 5.26 -0.13
CA ASP B 318 18.36 5.49 -0.50
C ASP B 318 18.99 6.60 0.36
N ASN B 319 20.32 6.65 0.36
CA ASN B 319 21.04 7.56 1.25
C ASN B 319 21.07 9.02 0.83
N ASN B 320 20.36 9.37 -0.26
CA ASN B 320 20.14 10.77 -0.58
C ASN B 320 18.83 11.29 0.00
N ASN B 321 18.18 10.48 0.83
CA ASN B 321 16.90 10.87 1.42
C ASN B 321 16.85 10.61 2.92
N TRP B 322 16.10 11.45 3.62
CA TRP B 322 16.01 11.43 5.07
C TRP B 322 15.14 10.28 5.56
N SER B 323 15.61 9.64 6.62
CA SER B 323 14.81 8.63 7.32
C SER B 323 14.48 9.18 8.71
N GLY B 324 14.64 8.36 9.75
CA GLY B 324 14.17 8.72 11.08
C GLY B 324 14.01 7.48 11.93
N TYR B 325 13.04 7.52 12.84
CA TYR B 325 12.73 6.36 13.66
C TYR B 325 12.22 5.19 12.81
N SER B 326 12.38 3.98 13.33
CA SER B 326 11.77 2.82 12.74
C SER B 326 11.40 1.87 13.85
N GLY B 327 10.43 1.01 13.60
CA GLY B 327 9.97 0.10 14.61
C GLY B 327 9.30 -1.11 14.02
N ILE B 328 9.16 -2.14 14.84
CA ILE B 328 8.58 -3.39 14.43
C ILE B 328 7.08 -3.41 14.79
N PHE B 329 6.31 -4.16 14.00
CA PHE B 329 5.01 -4.63 14.44
C PHE B 329 4.79 -6.03 13.92
N SER B 330 3.89 -6.76 14.57
CA SER B 330 3.67 -8.16 14.25
C SER B 330 2.23 -8.38 13.81
N VAL B 331 2.05 -9.26 12.83
CA VAL B 331 0.75 -9.51 12.20
C VAL B 331 0.51 -11.01 12.14
N GLU B 332 -0.61 -11.44 12.72
CA GLU B 332 -0.94 -12.86 12.76
C GLU B 332 -1.49 -13.34 11.42
N GLY B 333 -0.83 -14.35 10.85
CA GLY B 333 -1.29 -15.00 9.63
C GLY B 333 -2.02 -16.29 9.96
N LYS B 334 -2.39 -17.01 8.91
CA LYS B 334 -3.12 -18.27 9.06
C LYS B 334 -2.35 -19.25 9.93
N SER B 335 -1.06 -19.43 9.64
CA SER B 335 -0.26 -20.42 10.36
C SER B 335 1.01 -19.86 11.03
N CYS B 336 1.33 -18.58 10.84
CA CYS B 336 2.52 -18.01 11.46
C CYS B 336 2.35 -16.53 11.78
N ILE B 337 3.23 -16.03 12.64
CA ILE B 337 3.25 -14.62 12.99
C ILE B 337 4.31 -13.94 12.14
N ASN B 338 3.91 -12.94 11.39
CA ASN B 338 4.83 -12.21 10.51
C ASN B 338 5.38 -10.99 11.23
N ARG B 339 6.57 -10.56 10.82
CA ARG B 339 7.18 -9.33 11.33
C ARG B 339 7.17 -8.28 10.23
N CYS B 340 6.73 -7.07 10.58
CA CYS B 340 6.72 -5.93 9.65
C CYS B 340 7.45 -4.79 10.32
N PHE B 341 7.77 -3.76 9.55
CA PHE B 341 8.34 -2.55 10.12
C PHE B 341 7.91 -1.30 9.37
N TYR B 342 7.97 -0.17 10.05
CA TYR B 342 7.73 1.13 9.44
C TYR B 342 9.02 1.93 9.54
N VAL B 343 9.18 2.90 8.64
CA VAL B 343 10.24 3.89 8.71
C VAL B 343 9.62 5.27 8.70
N GLU B 344 9.99 6.08 9.68
CA GLU B 344 9.64 7.49 9.74
C GLU B 344 10.55 8.28 8.81
N LEU B 345 9.96 9.11 7.97
CA LEU B 345 10.70 9.90 6.98
C LEU B 345 10.57 11.36 7.36
N ILE B 346 11.57 11.87 8.09
CA ILE B 346 11.49 13.18 8.70
C ILE B 346 11.89 14.24 7.69
N ARG B 347 11.05 15.27 7.56
CA ARG B 347 11.32 16.40 6.68
C ARG B 347 11.29 17.71 7.48
N GLY B 348 12.01 18.70 6.98
CA GLY B 348 12.06 20.01 7.61
C GLY B 348 13.23 20.11 8.55
N ARG B 349 13.05 20.86 9.63
CA ARG B 349 14.18 21.20 10.50
C ARG B 349 14.52 20.02 11.42
N PRO B 350 15.79 19.91 11.83
CA PRO B 350 16.90 20.84 11.60
C PRO B 350 17.64 20.68 10.25
N GLN B 351 17.38 19.61 9.52
CA GLN B 351 18.18 19.30 8.32
C GLN B 351 17.85 20.20 7.14
N GLU B 352 16.59 20.63 7.04
CA GLU B 352 16.10 21.40 5.90
C GLU B 352 15.51 22.72 6.37
N THR B 353 16.31 23.77 6.30
CA THR B 353 15.97 25.03 6.96
C THR B 353 15.19 26.04 6.11
N ARG B 354 14.86 25.69 4.87
CA ARG B 354 13.96 26.53 4.08
C ARG B 354 12.63 26.71 4.81
N VAL B 355 12.16 25.62 5.43
CA VAL B 355 10.91 25.62 6.18
C VAL B 355 11.19 25.71 7.68
N TRP B 356 10.18 26.14 8.44
CA TRP B 356 10.33 26.32 9.88
C TRP B 356 9.75 25.17 10.71
N TRP B 357 9.02 24.27 10.04
CA TRP B 357 8.39 23.12 10.69
C TRP B 357 9.28 21.86 10.63
N THR B 358 8.88 20.86 11.41
CA THR B 358 9.43 19.50 11.34
C THR B 358 8.24 18.55 11.33
N SER B 359 8.22 17.64 10.36
CA SER B 359 7.14 16.67 10.27
C SER B 359 7.67 15.38 9.64
N ASN B 360 6.78 14.44 9.35
CA ASN B 360 7.21 13.21 8.73
C ASN B 360 6.12 12.54 7.92
N SER B 361 6.55 11.67 6.99
CA SER B 361 5.66 10.70 6.38
C SER B 361 6.17 9.32 6.80
N ILE B 362 5.51 8.26 6.33
CA ILE B 362 5.95 6.91 6.63
C ILE B 362 5.98 6.03 5.40
N VAL B 363 6.81 4.99 5.48
CA VAL B 363 6.77 3.87 4.56
C VAL B 363 6.81 2.59 5.39
N VAL B 364 6.17 1.54 4.91
CA VAL B 364 5.92 0.33 5.71
C VAL B 364 6.13 -0.90 4.83
N PHE B 365 6.92 -1.85 5.34
CA PHE B 365 7.22 -3.11 4.68
C PHE B 365 6.86 -4.27 5.60
N CYS B 366 6.51 -5.41 5.01
CA CYS B 366 6.21 -6.63 5.75
C CYS B 366 7.06 -7.81 5.27
N GLY B 367 7.37 -8.69 6.21
CA GLY B 367 8.10 -9.91 5.89
C GLY B 367 7.37 -10.73 4.86
N THR B 368 8.15 -11.40 4.01
CA THR B 368 7.61 -12.26 2.97
C THR B 368 8.43 -13.54 2.89
N SER B 369 7.76 -14.63 2.55
CA SER B 369 8.44 -15.89 2.24
C SER B 369 8.62 -16.04 0.73
N GLY B 370 8.20 -15.03 -0.02
CA GLY B 370 8.29 -15.06 -1.47
C GLY B 370 9.54 -14.37 -1.99
N THR B 371 9.43 -13.78 -3.18
CA THR B 371 10.55 -13.06 -3.78
C THR B 371 10.17 -11.60 -4.02
N TYR B 372 11.17 -10.81 -4.40
CA TYR B 372 11.03 -9.36 -4.50
C TYR B 372 12.20 -8.80 -5.31
N GLY B 373 12.11 -7.51 -5.62
CA GLY B 373 13.16 -6.84 -6.39
C GLY B 373 13.85 -5.75 -5.58
N THR B 374 14.01 -4.60 -6.20
CA THR B 374 14.69 -3.48 -5.58
C THR B 374 13.92 -2.19 -5.81
N GLY B 375 14.20 -1.20 -4.97
CA GLY B 375 13.67 0.13 -5.15
C GLY B 375 14.14 1.08 -4.06
N SER B 376 13.48 2.22 -4.01
CA SER B 376 13.70 3.20 -2.96
C SER B 376 12.42 4.01 -2.84
N TRP B 377 11.92 4.12 -1.60
CA TRP B 377 10.62 4.73 -1.33
C TRP B 377 10.75 5.84 -0.28
N PRO B 378 11.35 6.97 -0.68
CA PRO B 378 11.57 8.08 0.25
C PRO B 378 10.31 8.91 0.42
N ASP B 379 10.42 9.96 1.22
CA ASP B 379 9.27 10.84 1.46
C ASP B 379 8.72 11.40 0.14
N GLY B 380 9.60 11.94 -0.69
CA GLY B 380 9.22 12.39 -2.02
C GLY B 380 8.80 13.85 -2.17
N ALA B 381 8.65 14.58 -1.05
CA ALA B 381 8.31 15.99 -1.16
C ALA B 381 9.52 16.80 -1.65
N ASN B 382 9.25 17.81 -2.47
CA ASN B 382 10.23 18.81 -2.86
C ASN B 382 10.15 19.93 -1.83
N ILE B 383 11.21 20.11 -1.06
CA ILE B 383 11.23 21.10 0.00
C ILE B 383 10.91 22.51 -0.51
N ASN B 384 11.28 22.79 -1.76
CA ASN B 384 11.04 24.10 -2.37
C ASN B 384 9.59 24.36 -2.74
N PHE B 385 8.77 23.30 -2.77
CA PHE B 385 7.35 23.42 -3.05
C PHE B 385 6.52 23.57 -1.78
N MET B 386 7.13 23.47 -0.61
CA MET B 386 6.38 23.43 0.65
C MET B 386 6.08 24.83 1.17
N PRO B 387 4.91 25.00 1.81
CA PRO B 387 4.72 26.16 2.67
C PRO B 387 5.81 26.18 3.73
N ILE B 388 6.32 27.35 4.09
CA ILE B 388 7.42 27.42 5.05
C ILE B 388 6.93 27.43 6.50
#